data_5WGC
#
_entry.id   5WGC
#
_cell.length_a   91.619
_cell.length_b   91.619
_cell.length_c   316.062
_cell.angle_alpha   90.00
_cell.angle_beta   90.00
_cell.angle_gamma   120.00
#
_symmetry.space_group_name_H-M   'P 65 2 2'
#
loop_
_entity.id
_entity.type
_entity.pdbx_description
1 polymer 'Daunorubicin-doxorubicin polyketide synthase'
2 non-polymer '(3-{[2-({N-[(2R)-2-hydroxy-3,3-dimethyl-4-(phosphonooxy)butanoyl]-beta-alanyl}amino)ethyl]sulfanyl}oxetan-3-yl)acetic acid'
3 water water
#
_entity_poly.entity_id   1
_entity_poly.type   'polypeptide(L)'
_entity_poly.pdbx_seq_one_letter_code
;GSHMSVPQGAPGDLYVAGCGVWLPPPVTTEQALAAGHCDRRLASSTRMLSVAVADKETPAEMAALAAQTALDRSGVAPAH
VDLVLHASLYFQGHHLWAPSSYVQRVAVGNRCPAMEVRQV(42Y)NGGMAALELARAYLLAAPDRVAALITTGDRMHPPG
FDRWSSDPGTVYADGGTALVLSRQGGFARLRSLVTVSEPVLEGMHRGGHPFGPPSPEEQRAVDLDAHKRAYVAEAGSSFS
VARVSAGQEEALTGALEAAGAGLDDISRVVLPHMGWRRLSAAYFNKWHIQPERTTWEFGRRTGHLGGGDPIAGFDHLVGS
GRLAPGELCLLVSVGAGFSWSCAVVELLERPSWAAAPAAR
;
_entity_poly.pdbx_strand_id   A,B
#
loop_
_chem_comp.id
_chem_comp.type
_chem_comp.name
_chem_comp.formula
42Y non-polymer O-propanoyl-L-serine 'C6 H11 N O4'
AFY non-polymer '(3-{[2-({N-[(2R)-2-hydroxy-3,3-dimethyl-4-(phosphonooxy)butanoyl]-beta-alanyl}amino)ethyl]sulfanyl}oxetan-3-yl)acetic acid' 'C16 H29 N2 O10 P S'
#
# COMPACT_ATOMS: atom_id res chain seq x y z
N GLY A 12 16.61 -15.73 13.19
CA GLY A 12 15.24 -15.40 13.55
C GLY A 12 14.94 -14.10 14.26
N ASP A 13 15.92 -13.56 14.94
CA ASP A 13 15.76 -12.32 15.65
C ASP A 13 15.70 -11.14 14.68
N LEU A 14 15.02 -10.07 15.07
CA LEU A 14 14.93 -8.91 14.22
C LEU A 14 15.34 -7.71 15.03
N TYR A 15 16.01 -6.77 14.39
CA TYR A 15 16.56 -5.64 15.09
C TYR A 15 16.20 -4.35 14.37
N VAL A 16 16.20 -3.27 15.16
CA VAL A 16 16.19 -1.92 14.64
C VAL A 16 17.64 -1.53 14.49
N ALA A 17 18.09 -1.37 13.25
CA ALA A 17 19.47 -0.97 12.98
C ALA A 17 19.61 0.54 12.85
N GLY A 18 18.54 1.20 12.42
CA GLY A 18 18.55 2.65 12.29
C GLY A 18 17.15 3.19 12.21
N CYS A 19 17.05 4.49 12.48
CA CYS A 19 15.79 5.20 12.43
C CYS A 19 16.12 6.69 12.37
N GLY A 20 15.16 7.46 11.87
CA GLY A 20 15.34 8.89 11.71
C GLY A 20 14.04 9.52 11.26
N VAL A 21 14.02 10.85 11.32
CA VAL A 21 12.86 11.63 10.95
C VAL A 21 13.33 12.86 10.17
N TRP A 22 12.40 13.47 9.46
CA TRP A 22 12.60 14.79 8.88
C TRP A 22 11.35 15.61 9.17
N LEU A 23 11.47 16.59 10.04
CA LEU A 23 10.32 17.37 10.44
C LEU A 23 10.48 18.82 10.03
N PRO A 24 9.50 19.39 9.35
CA PRO A 24 9.53 20.81 8.99
C PRO A 24 9.38 21.67 10.24
N PRO A 25 9.60 22.99 10.12
CA PRO A 25 9.57 23.84 11.32
C PRO A 25 8.19 23.85 11.95
N PRO A 26 8.11 24.05 13.26
CA PRO A 26 6.81 24.02 13.93
C PRO A 26 6.02 25.30 13.77
N VAL A 27 4.71 25.15 13.80
CA VAL A 27 3.76 26.25 13.90
C VAL A 27 3.11 26.13 15.28
N THR A 28 3.20 27.18 16.10
CA THR A 28 2.71 27.02 17.47
C THR A 28 1.20 27.16 17.50
N THR A 29 0.60 26.63 18.57
CA THR A 29 -0.84 26.81 18.76
C THR A 29 -1.19 28.29 18.87
N GLU A 30 -0.33 29.09 19.51
CA GLU A 30 -0.56 30.53 19.58
C GLU A 30 -0.65 31.12 18.18
N GLN A 31 0.23 30.72 17.27
CA GLN A 31 0.14 31.28 15.92
C GLN A 31 -1.03 30.73 15.13
N ALA A 32 -1.46 29.50 15.44
CA ALA A 32 -2.65 28.95 14.82
C ALA A 32 -3.90 29.65 15.29
N LEU A 33 -3.99 29.94 16.59
CA LEU A 33 -5.10 30.73 17.13
C LEU A 33 -5.17 32.09 16.47
N ALA A 34 -4.01 32.77 16.36
CA ALA A 34 -3.98 34.10 15.77
C ALA A 34 -4.50 34.08 14.34
N ALA A 35 -4.21 33.00 13.60
CA ALA A 35 -4.66 32.93 12.22
C ALA A 35 -6.10 32.45 12.09
N GLY A 36 -6.75 32.12 13.20
CA GLY A 36 -8.06 31.51 13.10
C GLY A 36 -8.03 30.18 12.39
N HIS A 37 -7.00 29.37 12.64
CA HIS A 37 -6.94 28.00 12.16
C HIS A 37 -7.39 27.04 13.25
N CYS A 38 -7.41 27.52 14.48
CA CYS A 38 -7.68 26.77 15.69
C CYS A 38 -8.49 27.67 16.60
N ASP A 39 -9.48 27.10 17.30
CA ASP A 39 -10.20 27.88 18.29
C ASP A 39 -9.64 27.58 19.67
N ARG A 40 -10.05 28.37 20.66
CA ARG A 40 -9.47 28.15 21.97
C ARG A 40 -9.99 26.88 22.64
N ARG A 41 -11.18 26.41 22.28
CA ARG A 41 -11.68 25.19 22.90
C ARG A 41 -10.86 23.99 22.45
N LEU A 42 -10.62 23.88 21.15
CA LEU A 42 -9.75 22.83 20.62
C LEU A 42 -8.35 22.93 21.22
N ALA A 43 -7.81 24.14 21.31
CA ALA A 43 -6.50 24.33 21.93
C ALA A 43 -6.50 23.80 23.35
N SER A 44 -7.56 24.05 24.11
CA SER A 44 -7.61 23.58 25.49
C SER A 44 -7.84 22.09 25.57
N SER A 45 -8.76 21.56 24.75
CA SER A 45 -9.07 20.12 24.83
C SER A 45 -7.91 19.26 24.36
N THR A 46 -7.16 19.70 23.33
CA THR A 46 -6.04 18.90 22.85
C THR A 46 -4.75 19.15 23.62
N ARG A 47 -4.61 20.34 24.22
CA ARG A 47 -3.38 20.75 24.90
C ARG A 47 -2.16 20.70 23.99
N MET A 48 -2.38 20.78 22.67
CA MET A 48 -1.28 20.83 21.72
C MET A 48 -0.47 22.11 21.88
N LEU A 49 0.86 22.01 21.71
CA LEU A 49 1.71 23.19 21.75
C LEU A 49 2.22 23.63 20.40
N SER A 50 2.48 22.69 19.48
CA SER A 50 2.94 23.06 18.15
C SER A 50 2.78 21.86 17.24
N VAL A 51 2.83 22.12 15.94
CA VAL A 51 2.68 21.07 14.95
C VAL A 51 3.68 21.36 13.83
N ALA A 52 4.35 20.31 13.35
CA ALA A 52 5.28 20.45 12.24
C ALA A 52 4.53 20.71 10.95
N VAL A 53 4.87 21.80 10.26
CA VAL A 53 4.20 22.19 9.02
C VAL A 53 5.25 22.48 7.95
N ALA A 54 5.09 21.86 6.78
CA ALA A 54 6.02 22.01 5.68
C ALA A 54 5.60 23.15 4.77
N ASP A 55 6.60 23.76 4.11
CA ASP A 55 6.32 24.83 3.17
C ASP A 55 6.21 24.23 1.77
N LYS A 56 7.32 23.90 1.13
CA LYS A 56 7.30 23.35 -0.21
C LYS A 56 7.56 21.85 -0.28
N GLU A 57 8.06 21.24 0.79
CA GLU A 57 8.44 19.83 0.73
C GLU A 57 7.21 18.93 0.58
N THR A 58 7.29 17.97 -0.35
CA THR A 58 6.22 17.01 -0.59
C THR A 58 6.47 15.71 0.19
N PRO A 59 5.49 14.80 0.23
CA PRO A 59 5.63 13.62 1.12
C PRO A 59 6.82 12.71 0.82
N ALA A 60 7.05 12.35 -0.45
CA ALA A 60 8.16 11.44 -0.74
C ALA A 60 9.50 12.09 -0.49
N GLU A 61 9.61 13.39 -0.77
CA GLU A 61 10.82 14.13 -0.48
C GLU A 61 11.16 14.03 1.01
N MET A 62 10.17 14.26 1.86
CA MET A 62 10.41 14.20 3.30
C MET A 62 10.73 12.78 3.75
N ALA A 63 10.01 11.78 3.22
CA ALA A 63 10.33 10.39 3.53
C ALA A 63 11.75 10.04 3.12
N ALA A 64 12.16 10.49 1.94
CA ALA A 64 13.51 10.20 1.47
C ALA A 64 14.56 10.82 2.37
N LEU A 65 14.30 12.05 2.84
CA LEU A 65 15.24 12.69 3.75
C LEU A 65 15.36 11.91 5.05
N ALA A 66 14.23 11.42 5.57
CA ALA A 66 14.31 10.59 6.77
C ALA A 66 15.03 9.28 6.49
N ALA A 67 14.83 8.71 5.31
CA ALA A 67 15.50 7.45 4.99
C ALA A 67 17.01 7.62 4.91
N GLN A 68 17.47 8.74 4.37
CA GLN A 68 18.91 9.02 4.34
C GLN A 68 19.52 9.00 5.74
N THR A 69 18.87 9.68 6.68
CA THR A 69 19.35 9.67 8.06
C THR A 69 19.33 8.26 8.63
N ALA A 70 18.20 7.55 8.48
CA ALA A 70 18.07 6.21 9.06
C ALA A 70 19.10 5.25 8.45
N LEU A 71 19.29 5.33 7.13
CA LEU A 71 20.24 4.44 6.48
C LEU A 71 21.68 4.76 6.89
N ASP A 72 22.04 6.05 6.96
CA ASP A 72 23.38 6.41 7.38
C ASP A 72 23.65 5.94 8.80
N ARG A 73 22.69 6.17 9.71
CA ARG A 73 22.86 5.71 11.08
C ARG A 73 23.00 4.19 11.14
N SER A 74 22.34 3.46 10.24
CA SER A 74 22.35 2.00 10.33
C SER A 74 23.69 1.41 9.90
N GLY A 75 24.44 2.10 9.04
CA GLY A 75 25.60 1.49 8.43
C GLY A 75 25.32 0.37 7.45
N VAL A 76 24.06 0.16 7.05
CA VAL A 76 23.71 -0.94 6.16
C VAL A 76 24.05 -0.55 4.71
N ALA A 77 24.70 -1.46 3.99
CA ALA A 77 25.01 -1.18 2.59
C ALA A 77 23.74 -1.21 1.74
N PRO A 78 23.70 -0.44 0.65
CA PRO A 78 22.52 -0.50 -0.24
C PRO A 78 22.24 -1.89 -0.78
N ALA A 79 23.27 -2.70 -1.00
CA ALA A 79 23.04 -4.04 -1.53
C ALA A 79 22.35 -4.95 -0.51
N HIS A 80 22.36 -4.56 0.76
CA HIS A 80 21.70 -5.32 1.83
C HIS A 80 20.31 -4.80 2.17
N VAL A 81 19.83 -3.76 1.50
CA VAL A 81 18.46 -3.32 1.66
C VAL A 81 17.64 -4.14 0.67
N ASP A 82 16.88 -5.08 1.18
CA ASP A 82 16.20 -6.06 0.32
C ASP A 82 14.73 -5.77 0.11
N LEU A 83 14.19 -4.71 0.74
CA LEU A 83 12.81 -4.31 0.54
C LEU A 83 12.69 -2.84 0.89
N VAL A 84 11.88 -2.11 0.15
CA VAL A 84 11.54 -0.72 0.46
C VAL A 84 10.02 -0.59 0.51
N LEU A 85 9.51 -0.19 1.67
CA LEU A 85 8.08 0.01 1.88
C LEU A 85 7.85 1.43 2.35
N HIS A 86 6.99 2.15 1.65
CA HIS A 86 6.65 3.53 1.99
C HIS A 86 5.17 3.59 2.37
N ALA A 87 4.88 4.01 3.60
CA ALA A 87 3.51 4.10 4.09
C ALA A 87 3.06 5.56 4.16
N SER A 88 1.77 5.78 3.96
CA SER A 88 1.20 7.12 3.99
C SER A 88 -0.30 7.01 4.10
N LEU A 89 -0.95 8.11 4.47
CA LEU A 89 -2.40 8.09 4.59
C LEU A 89 -3.10 9.20 3.79
N TYR A 90 -2.36 10.04 3.08
CA TYR A 90 -2.98 11.11 2.32
C TYR A 90 -2.27 11.25 0.97
N PHE A 91 -2.85 12.06 0.09
CA PHE A 91 -2.40 12.21 -1.29
C PHE A 91 -0.90 12.47 -1.38
N GLN A 92 -0.21 11.64 -2.16
CA GLN A 92 1.24 11.73 -2.27
C GLN A 92 1.72 12.71 -3.32
N GLY A 93 0.82 13.33 -4.10
CA GLY A 93 1.16 14.49 -4.91
C GLY A 93 0.98 14.31 -6.42
N HIS A 94 1.08 13.08 -6.92
CA HIS A 94 1.02 12.82 -8.36
C HIS A 94 0.38 11.46 -8.60
N HIS A 95 -0.77 11.42 -9.30
CA HIS A 95 -1.44 10.16 -9.54
C HIS A 95 -0.70 9.33 -10.60
N LEU A 96 -0.72 8.01 -10.42
CA LEU A 96 -0.09 7.05 -11.32
C LEU A 96 1.43 7.20 -11.34
N TRP A 97 1.99 7.73 -10.25
CA TRP A 97 3.42 7.87 -10.01
C TRP A 97 3.76 7.03 -8.79
N ALA A 98 5.01 6.56 -8.70
CA ALA A 98 5.43 5.61 -7.68
C ALA A 98 6.30 6.30 -6.63
N PRO A 99 5.73 6.86 -5.56
CA PRO A 99 6.57 7.52 -4.53
C PRO A 99 7.58 6.59 -3.90
N SER A 100 7.27 5.31 -3.83
CA SER A 100 8.22 4.36 -3.28
C SER A 100 9.47 4.26 -4.16
N SER A 101 9.30 4.42 -5.49
CA SER A 101 10.45 4.41 -6.37
C SER A 101 11.28 5.69 -6.22
N TYR A 102 10.63 6.82 -5.93
CA TYR A 102 11.38 8.03 -5.61
C TYR A 102 12.25 7.85 -4.37
N VAL A 103 11.67 7.29 -3.30
CA VAL A 103 12.44 7.04 -2.09
C VAL A 103 13.62 6.13 -2.41
N GLN A 104 13.39 5.08 -3.22
CA GLN A 104 14.49 4.18 -3.56
C GLN A 104 15.60 4.91 -4.31
N ARG A 105 15.24 5.65 -5.36
CA ARG A 105 16.25 6.32 -6.18
C ARG A 105 17.06 7.32 -5.34
N VAL A 106 16.39 8.11 -4.51
CA VAL A 106 17.07 9.21 -3.82
C VAL A 106 17.80 8.71 -2.58
N ALA A 107 17.22 7.77 -1.84
CA ALA A 107 17.76 7.42 -0.54
C ALA A 107 18.55 6.12 -0.52
N VAL A 108 18.27 5.18 -1.42
CA VAL A 108 18.90 3.86 -1.37
C VAL A 108 19.80 3.65 -2.58
N GLY A 109 19.31 3.96 -3.77
CA GLY A 109 20.08 3.73 -4.97
C GLY A 109 20.29 2.27 -5.31
N ASN A 110 19.39 1.38 -4.92
CA ASN A 110 19.52 -0.03 -5.28
C ASN A 110 18.35 -0.50 -6.14
N ARG A 111 18.13 -1.83 -6.19
CA ARG A 111 17.16 -2.40 -7.12
C ARG A 111 16.29 -3.49 -6.50
N CYS A 112 16.05 -3.44 -5.20
CA CYS A 112 15.13 -4.38 -4.57
C CYS A 112 13.70 -3.92 -4.86
N PRO A 113 12.68 -4.73 -4.55
CA PRO A 113 11.30 -4.24 -4.72
C PRO A 113 11.02 -3.03 -3.84
N ALA A 114 10.30 -2.07 -4.39
CA ALA A 114 9.92 -0.88 -3.63
C ALA A 114 8.43 -0.64 -3.84
N MET A 115 7.67 -0.59 -2.75
CA MET A 115 6.23 -0.41 -2.92
C MET A 115 5.62 0.30 -1.73
N GLU A 116 4.36 0.61 -1.88
CA GLU A 116 3.61 1.30 -0.87
C GLU A 116 2.79 0.32 -0.03
N VAL A 117 2.64 0.64 1.24
CA VAL A 117 1.78 -0.09 2.17
C VAL A 117 0.94 0.94 2.91
N ARG A 118 -0.36 0.68 3.00
CA ARG A 118 -1.25 1.65 3.62
C ARG A 118 -2.17 0.96 4.60
N GLN A 119 -2.39 1.61 5.75
CA GLN A 119 -3.36 1.16 6.75
C GLN A 119 -3.68 2.35 7.64
N VAL A 120 -4.08 3.44 7.01
CA VAL A 120 -4.40 4.71 7.61
C VAL A 120 -3.54 5.13 8.76
N 42Y A 121 -3.80 5.54 9.90
CA 42Y A 121 -2.80 6.00 10.87
CB 42Y A 121 -3.45 6.83 11.96
OG 42Y A 121 -4.23 7.80 11.37
C1A 42Y A 121 -5.66 7.57 11.13
OAC 42Y A 121 -6.25 6.54 11.21
C2A 42Y A 121 -6.49 8.76 10.71
C 42Y A 121 -1.89 4.91 11.43
O 42Y A 121 -0.90 5.08 11.99
C1 42Y A 121 -8.00 8.49 10.54
N ASN A 122 -2.14 3.66 11.05
CA ASN A 122 -1.33 2.47 11.44
C ASN A 122 -0.41 1.94 10.32
N GLY A 123 -0.22 2.73 9.24
CA GLY A 123 0.55 2.24 8.10
C GLY A 123 1.99 1.86 8.43
N GLY A 124 2.64 2.60 9.32
CA GLY A 124 4.03 2.29 9.64
C GLY A 124 4.19 0.91 10.25
N MET A 125 3.33 0.57 11.21
CA MET A 125 3.33 -0.76 11.82
C MET A 125 2.88 -1.83 10.84
N ALA A 126 1.92 -1.50 9.94
CA ALA A 126 1.55 -2.42 8.88
C ALA A 126 2.74 -2.75 8.00
N ALA A 127 3.51 -1.73 7.64
CA ALA A 127 4.69 -1.97 6.82
C ALA A 127 5.69 -2.82 7.58
N LEU A 128 5.84 -2.57 8.88
CA LEU A 128 6.76 -3.36 9.69
C LEU A 128 6.35 -4.84 9.71
N GLU A 129 5.04 -5.11 9.76
CA GLU A 129 4.59 -6.50 9.71
C GLU A 129 5.01 -7.15 8.41
N LEU A 130 4.79 -6.44 7.30
CA LEU A 130 5.11 -7.01 5.99
C LEU A 130 6.62 -7.09 5.80
N ALA A 131 7.35 -6.09 6.28
CA ALA A 131 8.82 -6.16 6.23
C ALA A 131 9.34 -7.37 7.01
N ARG A 132 8.81 -7.61 8.21
CA ARG A 132 9.29 -8.75 9.00
C ARG A 132 9.06 -10.07 8.26
N ALA A 133 7.85 -10.27 7.74
CA ALA A 133 7.55 -11.47 6.97
C ALA A 133 8.49 -11.60 5.78
N TYR A 134 8.72 -10.50 5.05
CA TYR A 134 9.58 -10.57 3.87
C TYR A 134 10.98 -11.01 4.25
N LEU A 135 11.53 -10.44 5.33
CA LEU A 135 12.89 -10.80 5.76
C LEU A 135 12.96 -12.24 6.24
N LEU A 136 11.91 -12.75 6.87
CA LEU A 136 11.97 -14.12 7.38
C LEU A 136 11.64 -15.17 6.32
N ALA A 137 11.12 -14.78 5.15
CA ALA A 137 10.68 -15.77 4.17
C ALA A 137 11.81 -16.34 3.34
N ALA A 138 13.04 -15.83 3.49
CA ALA A 138 14.15 -16.30 2.69
C ALA A 138 15.41 -16.18 3.52
N PRO A 139 16.26 -17.22 3.52
CA PRO A 139 17.37 -17.26 4.50
C PRO A 139 18.45 -16.22 4.27
N ASP A 140 18.53 -15.62 3.08
CA ASP A 140 19.62 -14.73 2.73
C ASP A 140 19.27 -13.25 2.81
N ARG A 141 18.03 -12.89 3.14
CA ARG A 141 17.71 -11.47 3.18
C ARG A 141 18.29 -10.83 4.45
N VAL A 142 18.56 -9.53 4.37
CA VAL A 142 19.27 -8.87 5.45
C VAL A 142 18.41 -7.78 6.10
N ALA A 143 18.12 -6.72 5.35
CA ALA A 143 17.50 -5.56 5.96
C ALA A 143 16.33 -5.04 5.12
N ALA A 144 15.46 -4.26 5.74
CA ALA A 144 14.38 -3.62 5.02
C ALA A 144 14.25 -2.17 5.47
N LEU A 145 13.89 -1.31 4.53
CA LEU A 145 13.67 0.10 4.80
C LEU A 145 12.18 0.39 4.78
N ILE A 146 11.70 1.04 5.83
CA ILE A 146 10.31 1.46 5.96
C ILE A 146 10.31 2.97 6.15
N THR A 147 9.46 3.66 5.40
CA THR A 147 9.38 5.11 5.48
C THR A 147 7.92 5.50 5.53
N THR A 148 7.68 6.72 6.01
CA THR A 148 6.37 7.34 6.01
C THR A 148 6.54 8.79 5.62
N GLY A 149 5.51 9.37 5.02
CA GLY A 149 5.55 10.77 4.66
C GLY A 149 4.18 11.28 4.31
N ASP A 150 3.83 12.47 4.79
CA ASP A 150 2.54 13.05 4.45
C ASP A 150 2.61 14.57 4.56
N ARG A 151 1.71 15.22 3.83
CA ARG A 151 1.64 16.68 3.81
C ARG A 151 0.16 17.08 3.82
N MET A 152 -0.29 17.68 4.92
CA MET A 152 -1.72 17.84 5.19
C MET A 152 -2.15 19.29 4.97
N HIS A 153 -2.05 19.73 3.72
CA HIS A 153 -2.34 21.11 3.35
C HIS A 153 -3.80 21.53 3.26
N PRO A 154 -4.04 22.84 3.37
CA PRO A 154 -5.29 23.61 3.36
C PRO A 154 -6.39 23.33 2.31
N PRO A 155 -6.06 22.96 1.05
CA PRO A 155 -7.27 22.82 0.21
C PRO A 155 -8.12 21.55 0.35
N GLY A 156 -7.49 20.43 0.61
CA GLY A 156 -8.21 19.19 0.76
C GLY A 156 -8.17 18.70 2.19
N PHE A 157 -7.36 19.29 3.06
CA PHE A 157 -7.28 18.81 4.43
C PHE A 157 -7.19 19.98 5.40
N ASP A 158 -7.90 19.89 6.52
CA ASP A 158 -7.78 20.90 7.55
C ASP A 158 -7.05 20.26 8.74
N ARG A 159 -5.81 20.71 8.92
CA ARG A 159 -4.89 20.18 9.91
C ARG A 159 -5.50 20.07 11.31
N TRP A 160 -6.33 21.05 11.70
CA TRP A 160 -6.85 21.13 13.07
C TRP A 160 -8.26 20.57 13.25
N SER A 161 -9.10 20.54 12.23
CA SER A 161 -10.48 20.16 12.47
C SER A 161 -11.05 19.18 11.45
N SER A 162 -10.25 18.73 10.47
CA SER A 162 -10.72 17.64 9.63
C SER A 162 -11.01 16.39 10.44
N ASP A 163 -10.31 16.22 11.58
CA ASP A 163 -10.49 15.09 12.49
C ASP A 163 -10.31 15.62 13.92
N PRO A 164 -11.31 16.34 14.44
CA PRO A 164 -11.16 17.04 15.72
C PRO A 164 -10.66 16.17 16.85
N GLY A 165 -9.70 16.69 17.60
CA GLY A 165 -9.08 15.95 18.68
C GLY A 165 -7.71 15.41 18.33
N THR A 166 -7.33 15.49 17.07
CA THR A 166 -6.00 15.12 16.61
C THR A 166 -5.55 16.21 15.64
N VAL A 167 -4.31 16.67 15.79
CA VAL A 167 -3.77 17.72 14.92
C VAL A 167 -2.71 17.07 14.05
N TYR A 168 -2.91 17.13 12.73
CA TYR A 168 -2.08 16.39 11.79
C TYR A 168 -0.83 17.17 11.42
N ALA A 169 0.29 16.47 11.36
CA ALA A 169 1.57 17.08 11.05
C ALA A 169 2.02 16.72 9.64
N ASP A 170 2.94 17.52 9.12
CA ASP A 170 3.69 17.20 7.91
C ASP A 170 5.05 16.66 8.34
N GLY A 171 5.57 15.71 7.58
CA GLY A 171 6.92 15.23 7.88
C GLY A 171 7.13 13.81 7.42
N GLY A 172 8.37 13.36 7.57
CA GLY A 172 8.74 12.00 7.21
C GLY A 172 9.44 11.28 8.35
N THR A 173 9.33 9.94 8.32
CA THR A 173 9.99 9.08 9.30
C THR A 173 10.57 7.89 8.57
N ALA A 174 11.51 7.19 9.21
CA ALA A 174 12.11 6.03 8.55
C ALA A 174 12.72 5.09 9.56
N LEU A 175 12.69 3.80 9.24
CA LEU A 175 13.25 2.79 10.10
C LEU A 175 13.91 1.70 9.26
N VAL A 176 15.10 1.27 9.68
CA VAL A 176 15.81 0.17 9.03
C VAL A 176 15.72 -1.06 9.94
N LEU A 177 15.06 -2.10 9.42
CA LEU A 177 14.84 -3.35 10.12
C LEU A 177 15.85 -4.37 9.60
N SER A 178 16.46 -5.15 10.49
CA SER A 178 17.51 -6.04 10.02
C SER A 178 17.55 -7.36 10.75
N ARG A 179 17.93 -8.40 10.00
CA ARG A 179 18.16 -9.72 10.55
C ARG A 179 19.58 -9.89 11.05
N GLN A 180 20.50 -9.03 10.66
CA GLN A 180 21.90 -9.20 11.03
C GLN A 180 22.19 -8.64 12.43
N GLY A 181 21.69 -7.44 12.71
CA GLY A 181 21.91 -6.86 14.02
C GLY A 181 21.46 -5.41 14.05
N GLY A 182 21.61 -4.81 15.22
CA GLY A 182 21.23 -3.42 15.43
C GLY A 182 21.32 -3.10 16.90
N PHE A 183 20.95 -1.85 17.23
CA PHE A 183 21.01 -1.36 18.60
C PHE A 183 19.76 -1.71 19.42
N ALA A 184 18.69 -2.19 18.81
CA ALA A 184 17.52 -2.60 19.57
C ALA A 184 16.96 -3.87 18.97
N ARG A 185 16.38 -4.71 19.82
CA ARG A 185 15.81 -5.97 19.36
C ARG A 185 14.28 -5.88 19.41
N LEU A 186 13.64 -6.30 18.31
CA LEU A 186 12.18 -6.42 18.27
C LEU A 186 11.77 -7.67 19.04
N ARG A 187 11.16 -7.51 20.20
CA ARG A 187 10.74 -8.69 20.95
C ARG A 187 9.34 -9.17 20.61
N SER A 188 8.48 -8.29 20.10
CA SER A 188 7.15 -8.73 19.70
C SER A 188 6.54 -7.66 18.81
N LEU A 189 5.62 -8.10 17.95
CA LEU A 189 4.82 -7.20 17.13
C LEU A 189 3.51 -7.91 16.84
N VAL A 190 2.38 -7.31 17.21
CA VAL A 190 1.08 -7.92 16.95
C VAL A 190 0.17 -6.89 16.29
N THR A 191 -0.67 -7.36 15.37
CA THR A 191 -1.66 -6.53 14.70
C THR A 191 -3.04 -7.15 14.86
N VAL A 192 -4.01 -6.32 15.21
CA VAL A 192 -5.39 -6.72 15.44
C VAL A 192 -6.28 -5.95 14.45
N SER A 193 -7.29 -6.61 13.90
CA SER A 193 -8.18 -6.00 12.91
C SER A 193 -9.64 -6.15 13.35
N GLU A 194 -10.39 -5.05 13.35
CA GLU A 194 -11.84 -5.14 13.58
C GLU A 194 -12.53 -4.38 12.45
N PRO A 195 -12.70 -5.04 11.31
CA PRO A 195 -13.25 -4.37 10.12
C PRO A 195 -14.71 -3.97 10.23
N VAL A 196 -15.44 -4.40 11.26
CA VAL A 196 -16.83 -3.96 11.40
C VAL A 196 -16.91 -2.45 11.62
N LEU A 197 -15.80 -1.82 12.05
CA LEU A 197 -15.72 -0.39 12.28
C LEU A 197 -15.42 0.41 11.01
N GLU A 198 -15.15 -0.31 9.93
CA GLU A 198 -14.81 0.24 8.62
C GLU A 198 -15.61 1.51 8.29
N GLY A 199 -16.94 1.43 8.37
CA GLY A 199 -17.78 2.54 7.95
C GLY A 199 -17.67 3.76 8.81
N MET A 200 -16.96 3.71 9.95
CA MET A 200 -16.90 4.88 10.80
C MET A 200 -16.22 6.07 10.11
N HIS A 201 -15.39 5.84 9.10
CA HIS A 201 -14.63 6.92 8.49
C HIS A 201 -15.04 7.21 7.05
N ARG A 202 -16.24 6.83 6.61
CA ARG A 202 -16.63 7.11 5.23
C ARG A 202 -18.10 7.47 5.15
N GLY A 203 -18.49 8.02 3.98
CA GLY A 203 -19.89 8.24 3.69
C GLY A 203 -20.55 6.97 3.21
N GLY A 204 -21.86 7.03 3.06
CA GLY A 204 -22.61 5.86 2.65
C GLY A 204 -23.09 5.13 3.90
N HIS A 205 -23.90 4.11 3.70
CA HIS A 205 -24.44 3.40 4.85
C HIS A 205 -23.30 2.70 5.57
N PRO A 206 -23.22 2.81 6.91
CA PRO A 206 -22.10 2.20 7.66
C PRO A 206 -21.92 0.72 7.35
N PHE A 207 -23.01 0.03 7.00
CA PHE A 207 -22.94 -1.39 6.68
C PHE A 207 -23.34 -1.66 5.24
N GLY A 208 -23.36 -0.64 4.41
CA GLY A 208 -23.55 -0.85 2.99
C GLY A 208 -22.32 -0.41 2.23
N PRO A 209 -22.44 -0.31 0.91
CA PRO A 209 -21.30 0.14 0.10
C PRO A 209 -21.03 1.62 0.33
N PRO A 210 -19.81 2.08 0.07
CA PRO A 210 -19.54 3.51 0.26
C PRO A 210 -20.24 4.38 -0.77
N SER A 211 -20.52 5.60 -0.37
CA SER A 211 -21.15 6.58 -1.21
C SER A 211 -20.17 6.97 -2.28
N PRO A 212 -20.65 7.25 -3.46
CA PRO A 212 -19.76 7.52 -4.58
C PRO A 212 -19.30 8.93 -4.72
N GLU A 213 -19.06 9.70 -3.66
CA GLU A 213 -18.56 11.06 -3.93
C GLU A 213 -17.99 11.75 -2.71
N GLU A 214 -16.70 12.05 -2.75
CA GLU A 214 -16.04 12.80 -1.67
C GLU A 214 -14.54 12.90 -1.81
N GLN A 215 -14.04 14.12 -1.75
CA GLN A 215 -12.60 14.41 -1.86
C GLN A 215 -12.35 15.89 -1.69
N ARG A 216 -13.38 16.63 -1.29
CA ARG A 216 -13.28 18.08 -1.08
C ARG A 216 -12.44 18.39 0.15
N ALA A 217 -12.99 18.15 1.33
CA ALA A 217 -12.28 18.41 2.54
C ALA A 217 -12.72 17.29 3.39
N VAL A 218 -11.76 16.57 3.93
CA VAL A 218 -12.02 15.47 4.79
C VAL A 218 -12.77 15.97 6.01
N ASP A 219 -13.88 15.31 6.33
CA ASP A 219 -14.70 15.64 7.49
C ASP A 219 -15.07 14.33 8.20
N LEU A 220 -14.14 13.83 9.02
CA LEU A 220 -14.38 12.57 9.70
C LEU A 220 -15.49 12.68 10.73
N ASP A 221 -15.62 13.85 11.36
CA ASP A 221 -16.60 14.03 12.42
C ASP A 221 -18.01 13.69 11.95
N ALA A 222 -18.38 14.12 10.74
CA ALA A 222 -19.68 13.77 10.20
C ALA A 222 -19.87 12.25 10.12
N HIS A 223 -18.87 11.53 9.62
CA HIS A 223 -19.04 10.09 9.44
C HIS A 223 -19.08 9.34 10.77
N LYS A 224 -18.31 9.78 11.78
CA LYS A 224 -18.31 9.06 13.05
C LYS A 224 -19.68 9.11 13.70
N ARG A 225 -20.32 10.28 13.68
CA ARG A 225 -21.64 10.43 14.27
C ARG A 225 -22.67 9.58 13.53
N ALA A 226 -22.61 9.54 12.19
CA ALA A 226 -23.53 8.68 11.45
C ALA A 226 -23.29 7.21 11.79
N TYR A 227 -22.05 6.83 12.06
CA TYR A 227 -21.80 5.42 12.38
C TYR A 227 -22.35 5.08 13.76
N VAL A 228 -22.11 5.93 14.74
CA VAL A 228 -22.59 5.66 16.08
C VAL A 228 -24.11 5.65 16.11
N ALA A 229 -24.74 6.57 15.36
CA ALA A 229 -26.20 6.58 15.26
C ALA A 229 -26.74 5.24 14.77
N GLU A 230 -26.10 4.63 13.78
CA GLU A 230 -26.62 3.39 13.24
C GLU A 230 -26.20 2.19 14.08
N ALA A 231 -24.96 2.18 14.60
CA ALA A 231 -24.48 1.00 15.32
C ALA A 231 -24.69 1.08 16.82
N GLY A 232 -24.82 2.28 17.35
CA GLY A 232 -24.98 2.42 18.78
C GLY A 232 -23.65 2.76 19.41
N SER A 233 -23.69 3.71 20.33
CA SER A 233 -22.50 4.12 21.03
C SER A 233 -21.93 2.98 21.85
N SER A 234 -22.78 2.20 22.51
CA SER A 234 -22.32 1.10 23.34
C SER A 234 -21.49 0.11 22.53
N PHE A 235 -21.98 -0.27 21.36
CA PHE A 235 -21.26 -1.20 20.50
C PHE A 235 -19.94 -0.58 20.04
N SER A 236 -19.99 0.66 19.56
CA SER A 236 -18.81 1.31 19.02
C SER A 236 -17.70 1.44 20.06
N VAL A 237 -18.01 1.96 21.23
CA VAL A 237 -17.01 2.13 22.29
C VAL A 237 -16.42 0.77 22.68
N ALA A 238 -17.26 -0.24 22.81
CA ALA A 238 -16.80 -1.55 23.27
C ALA A 238 -15.82 -2.17 22.29
N ARG A 239 -16.16 -2.18 20.99
CA ARG A 239 -15.31 -2.84 20.01
C ARG A 239 -13.96 -2.12 19.89
N VAL A 240 -13.97 -0.79 19.90
CA VAL A 240 -12.71 -0.06 19.85
C VAL A 240 -11.87 -0.41 21.09
N SER A 241 -12.50 -0.45 22.27
CA SER A 241 -11.77 -0.80 23.49
C SER A 241 -11.21 -2.20 23.40
N ALA A 242 -12.00 -3.13 22.85
CA ALA A 242 -11.62 -4.54 22.81
C ALA A 242 -10.44 -4.74 21.87
N GLY A 243 -10.46 -4.06 20.71
CA GLY A 243 -9.34 -4.15 19.78
C GLY A 243 -8.04 -3.66 20.39
N GLN A 244 -8.08 -2.50 21.04
CA GLN A 244 -6.91 -1.94 21.70
C GLN A 244 -6.36 -2.89 22.76
N GLU A 245 -7.26 -3.52 23.52
CA GLU A 245 -6.82 -4.40 24.61
C GLU A 245 -6.20 -5.67 24.06
N GLU A 246 -6.74 -6.17 22.94
CA GLU A 246 -6.17 -7.36 22.34
C GLU A 246 -4.74 -7.11 21.85
N ALA A 247 -4.51 -5.97 21.20
CA ALA A 247 -3.17 -5.67 20.71
C ALA A 247 -2.19 -5.49 21.87
N LEU A 248 -2.59 -4.75 22.91
CA LEU A 248 -1.71 -4.53 24.06
C LEU A 248 -1.32 -5.84 24.74
N THR A 249 -2.33 -6.61 25.16
CA THR A 249 -2.04 -7.86 25.88
C THR A 249 -1.37 -8.89 24.96
N GLY A 250 -1.73 -8.90 23.68
CA GLY A 250 -1.07 -9.82 22.76
C GLY A 250 0.42 -9.55 22.61
N ALA A 251 0.80 -8.28 22.44
CA ALA A 251 2.22 -7.92 22.31
C ALA A 251 2.99 -8.18 23.60
N LEU A 252 2.40 -7.83 24.74
CA LEU A 252 3.08 -8.03 26.02
C LEU A 252 3.27 -9.51 26.30
N GLU A 253 2.23 -10.29 26.05
CA GLU A 253 2.32 -11.73 26.28
C GLU A 253 3.35 -12.37 25.34
N ALA A 254 3.38 -11.92 24.07
CA ALA A 254 4.35 -12.49 23.13
C ALA A 254 5.79 -12.15 23.50
N ALA A 255 6.00 -11.01 24.15
CA ALA A 255 7.34 -10.62 24.59
C ALA A 255 7.72 -11.16 25.96
N GLY A 256 6.80 -11.83 26.66
CA GLY A 256 7.07 -12.26 28.02
C GLY A 256 7.17 -11.12 29.01
N ALA A 257 6.46 -10.02 28.77
CA ALA A 257 6.48 -8.85 29.61
C ALA A 257 5.08 -8.51 30.09
N GLY A 258 5.02 -7.74 31.18
CA GLY A 258 3.80 -7.10 31.61
C GLY A 258 4.00 -5.60 31.50
N LEU A 259 2.88 -4.86 31.57
CA LEU A 259 2.98 -3.41 31.43
C LEU A 259 3.92 -2.80 32.46
N ASP A 260 4.04 -3.43 33.65
CA ASP A 260 4.97 -2.92 34.64
C ASP A 260 6.42 -3.12 34.25
N ASP A 261 6.71 -4.00 33.29
CA ASP A 261 8.09 -4.14 32.81
C ASP A 261 8.46 -3.09 31.77
N ILE A 262 7.52 -2.26 31.33
CA ILE A 262 7.77 -1.31 30.25
C ILE A 262 8.32 -0.01 30.83
N SER A 263 9.42 0.48 30.26
CA SER A 263 9.99 1.74 30.72
C SER A 263 9.35 2.94 30.06
N ARG A 264 9.05 2.85 28.78
CA ARG A 264 8.51 3.96 28.02
C ARG A 264 7.42 3.46 27.10
N VAL A 265 6.35 4.24 27.00
CA VAL A 265 5.27 3.91 26.08
C VAL A 265 5.26 4.97 24.98
N VAL A 266 5.41 4.53 23.73
CA VAL A 266 5.29 5.42 22.58
C VAL A 266 3.82 5.40 22.16
N LEU A 267 3.11 6.50 22.43
CA LEU A 267 1.70 6.59 22.08
C LEU A 267 1.50 7.40 20.82
N PRO A 268 0.33 7.28 20.18
CA PRO A 268 0.03 8.16 19.03
C PRO A 268 0.00 9.62 19.47
N HIS A 269 0.30 10.53 18.52
CA HIS A 269 0.31 11.96 18.82
C HIS A 269 -1.09 12.57 18.65
N MET A 270 -2.01 12.11 19.50
CA MET A 270 -3.35 12.66 19.51
C MET A 270 -3.48 13.73 20.59
N GLY A 271 -4.64 14.38 20.60
CA GLY A 271 -4.90 15.38 21.61
C GLY A 271 -5.07 14.75 22.98
N TRP A 272 -4.95 15.61 24.00
CA TRP A 272 -4.98 15.16 25.40
C TRP A 272 -6.28 14.43 25.74
N ARG A 273 -7.42 14.96 25.30
CA ARG A 273 -8.70 14.28 25.55
C ARG A 273 -8.70 12.86 25.00
N ARG A 274 -8.19 12.66 23.79
CA ARG A 274 -8.21 11.32 23.22
C ARG A 274 -7.23 10.39 23.94
N LEU A 275 -6.05 10.89 24.27
CA LEU A 275 -5.06 10.07 24.96
C LEU A 275 -5.52 9.71 26.37
N SER A 276 -6.20 10.64 27.03
CA SER A 276 -6.70 10.37 28.38
C SER A 276 -7.71 9.25 28.36
N ALA A 277 -8.66 9.30 27.42
CA ALA A 277 -9.72 8.30 27.39
C ALA A 277 -9.20 6.93 27.00
N ALA A 278 -8.30 6.88 26.01
CA ALA A 278 -7.83 5.60 25.50
C ALA A 278 -6.73 4.98 26.37
N TYR A 279 -5.86 5.80 26.95
CA TYR A 279 -4.64 5.29 27.58
C TYR A 279 -4.46 5.74 29.04
N PHE A 280 -4.35 7.05 29.32
CA PHE A 280 -3.97 7.47 30.67
C PHE A 280 -4.99 7.02 31.73
N ASN A 281 -6.27 7.26 31.50
CA ASN A 281 -7.27 6.86 32.48
C ASN A 281 -7.70 5.40 32.36
N LYS A 282 -7.35 4.71 31.27
CA LYS A 282 -7.69 3.30 31.14
C LYS A 282 -6.60 2.42 31.70
N TRP A 283 -5.36 2.67 31.29
CA TRP A 283 -4.21 1.86 31.71
C TRP A 283 -3.58 2.38 33.00
N HIS A 284 -3.93 3.60 33.43
CA HIS A 284 -3.41 4.20 34.66
C HIS A 284 -1.89 4.37 34.60
N ILE A 285 -1.42 4.93 33.51
CA ILE A 285 -0.01 5.26 33.39
C ILE A 285 0.13 6.77 33.42
N GLN A 286 1.29 7.23 33.88
CA GLN A 286 1.58 8.64 33.94
C GLN A 286 2.03 9.15 32.58
N PRO A 287 1.68 10.37 32.21
CA PRO A 287 2.17 10.94 30.94
C PRO A 287 3.68 10.97 30.83
N GLU A 288 4.38 11.10 31.96
CA GLU A 288 5.82 11.19 31.98
C GLU A 288 6.48 9.90 31.53
N ARG A 289 5.73 8.81 31.52
CA ARG A 289 6.21 7.54 31.05
C ARG A 289 5.98 7.35 29.55
N THR A 290 5.40 8.33 28.86
CA THR A 290 5.06 8.26 27.45
C THR A 290 5.76 9.36 26.66
N THR A 291 5.49 9.40 25.36
CA THR A 291 6.01 10.44 24.48
C THR A 291 5.06 11.63 24.38
N TRP A 292 4.18 11.80 25.35
CA TRP A 292 3.20 12.89 25.31
C TRP A 292 3.85 14.24 25.06
N GLU A 293 4.90 14.59 25.81
CA GLU A 293 5.49 15.91 25.66
C GLU A 293 6.08 16.09 24.26
N PHE A 294 6.66 15.02 23.70
CA PHE A 294 7.17 15.09 22.34
C PHE A 294 6.03 15.23 21.34
N GLY A 295 5.03 14.35 21.42
CA GLY A 295 3.97 14.34 20.44
C GLY A 295 3.18 15.64 20.41
N ARG A 296 2.94 16.25 21.57
CA ARG A 296 2.13 17.45 21.65
C ARG A 296 2.82 18.66 21.02
N ARG A 297 4.12 18.59 20.75
CA ARG A 297 4.83 19.65 20.05
C ARG A 297 5.09 19.29 18.60
N THR A 298 4.84 18.03 18.23
CA THR A 298 5.07 17.51 16.90
C THR A 298 3.78 17.42 16.11
N GLY A 299 2.76 16.80 16.68
CA GLY A 299 1.56 16.46 15.94
C GLY A 299 1.61 15.06 15.35
N HIS A 300 0.48 14.66 14.80
CA HIS A 300 0.28 13.33 14.25
C HIS A 300 0.94 13.24 12.88
N LEU A 301 1.96 12.39 12.76
CA LEU A 301 2.73 12.24 11.52
C LEU A 301 2.20 11.09 10.65
N GLY A 302 0.93 11.22 10.28
CA GLY A 302 0.27 10.15 9.55
C GLY A 302 0.54 8.85 10.28
N GLY A 303 0.91 7.83 9.54
CA GLY A 303 1.31 6.52 10.04
C GLY A 303 2.66 6.38 10.73
N GLY A 304 3.47 7.44 10.76
CA GLY A 304 4.82 7.39 11.30
C GLY A 304 5.06 7.68 12.77
N ASP A 305 4.03 7.99 13.56
CA ASP A 305 4.25 8.32 14.97
C ASP A 305 5.08 7.31 15.76
N PRO A 306 4.87 5.99 15.64
CA PRO A 306 5.72 5.07 16.43
C PRO A 306 7.20 5.23 16.13
N ILE A 307 7.51 5.49 14.86
CA ILE A 307 8.90 5.67 14.46
C ILE A 307 9.46 6.97 15.03
N ALA A 308 8.73 8.08 14.86
CA ALA A 308 9.19 9.35 15.41
C ALA A 308 9.35 9.27 16.92
N GLY A 309 8.40 8.62 17.59
CA GLY A 309 8.47 8.57 19.05
C GLY A 309 9.61 7.71 19.56
N PHE A 310 9.82 6.55 18.94
CA PHE A 310 10.94 5.69 19.32
C PHE A 310 12.27 6.36 19.01
N ASP A 311 12.38 6.97 17.83
CA ASP A 311 13.57 7.72 17.47
C ASP A 311 13.84 8.83 18.50
N HIS A 312 12.78 9.54 18.91
CA HIS A 312 12.92 10.58 19.92
C HIS A 312 13.44 10.03 21.24
N LEU A 313 12.82 8.95 21.73
CA LEU A 313 13.25 8.37 23.01
C LEU A 313 14.72 7.99 22.98
N VAL A 314 15.15 7.36 21.90
CA VAL A 314 16.52 6.88 21.78
C VAL A 314 17.48 8.05 21.59
N GLY A 315 17.17 8.94 20.64
CA GLY A 315 18.07 10.04 20.35
C GLY A 315 18.28 10.96 21.52
N SER A 316 17.29 11.07 22.38
CA SER A 316 17.38 11.96 23.54
C SER A 316 17.93 11.26 24.76
N GLY A 317 18.24 9.95 24.67
CA GLY A 317 18.77 9.19 25.77
C GLY A 317 17.75 8.83 26.84
N ARG A 318 16.46 9.09 26.61
CA ARG A 318 15.41 8.79 27.58
C ARG A 318 15.13 7.31 27.75
N LEU A 319 15.74 6.46 26.92
CA LEU A 319 15.60 5.01 27.01
C LEU A 319 16.99 4.43 27.18
N ALA A 320 17.16 3.50 28.12
CA ALA A 320 18.46 2.98 28.51
C ALA A 320 18.64 1.52 28.10
N PRO A 321 19.89 1.08 27.90
CA PRO A 321 20.14 -0.33 27.56
C PRO A 321 19.50 -1.27 28.57
N GLY A 322 18.88 -2.34 28.05
CA GLY A 322 18.14 -3.27 28.86
C GLY A 322 16.68 -2.92 29.05
N GLU A 323 16.31 -1.64 28.90
CA GLU A 323 14.92 -1.22 29.09
C GLU A 323 14.04 -1.63 27.91
N LEU A 324 12.76 -1.85 28.20
CA LEU A 324 11.76 -2.19 27.20
C LEU A 324 10.93 -0.97 26.83
N CYS A 325 10.56 -0.92 25.58
CA CYS A 325 9.75 0.17 25.06
C CYS A 325 8.52 -0.44 24.41
N LEU A 326 7.34 0.16 24.65
CA LEU A 326 6.11 -0.30 24.03
C LEU A 326 5.65 0.72 22.98
N LEU A 327 5.50 0.24 21.74
CA LEU A 327 4.97 1.04 20.65
C LEU A 327 3.48 0.78 20.53
N VAL A 328 2.68 1.84 20.51
CA VAL A 328 1.22 1.73 20.44
C VAL A 328 0.74 2.54 19.25
N SER A 329 0.02 1.90 18.33
CA SER A 329 -0.42 2.52 17.09
C SER A 329 -1.83 2.03 16.72
N VAL A 330 -2.61 2.91 16.11
CA VAL A 330 -4.00 2.57 15.74
C VAL A 330 -4.35 3.30 14.44
N GLY A 331 -5.20 2.65 13.62
CA GLY A 331 -5.69 3.25 12.39
C GLY A 331 -7.18 2.98 12.20
N ALA A 332 -7.81 3.77 11.34
CA ALA A 332 -9.24 3.72 11.07
C ALA A 332 -10.01 2.41 10.81
N GLY A 333 -9.44 1.44 10.08
CA GLY A 333 -10.22 0.24 9.76
C GLY A 333 -11.23 -0.50 10.67
N PHE A 334 -11.01 -0.67 11.96
CA PHE A 334 -9.82 -0.34 12.71
C PHE A 334 -8.74 -1.42 12.65
N SER A 335 -7.51 -0.97 12.82
CA SER A 335 -6.36 -1.82 12.91
C SER A 335 -5.53 -1.31 14.06
N TRP A 336 -5.03 -2.19 14.91
CA TRP A 336 -4.19 -1.80 16.03
C TRP A 336 -2.90 -2.60 15.95
N SER A 337 -1.78 -1.95 16.23
CA SER A 337 -0.54 -2.67 16.39
C SER A 337 0.16 -2.25 17.66
N CYS A 338 0.73 -3.24 18.34
CA CYS A 338 1.60 -2.99 19.47
C CYS A 338 2.88 -3.78 19.26
N ALA A 339 3.99 -3.20 19.73
CA ALA A 339 5.29 -3.84 19.65
C ALA A 339 6.05 -3.57 20.94
N VAL A 340 6.85 -4.55 21.35
CA VAL A 340 7.75 -4.38 22.46
C VAL A 340 9.15 -4.40 21.87
N VAL A 341 9.91 -3.33 22.14
CA VAL A 341 11.27 -3.17 21.61
C VAL A 341 12.24 -3.04 22.79
N GLU A 342 13.31 -3.85 22.76
CA GLU A 342 14.32 -3.85 23.81
C GLU A 342 15.55 -3.10 23.33
N LEU A 343 15.90 -2.02 24.04
CA LEU A 343 17.10 -1.26 23.70
C LEU A 343 18.31 -2.07 24.15
N LEU A 344 19.18 -2.41 23.20
CA LEU A 344 20.37 -3.19 23.50
C LEU A 344 21.59 -2.32 23.84
N GLU A 345 21.75 -1.18 23.18
CA GLU A 345 22.87 -0.28 23.43
C GLU A 345 22.49 1.11 22.95
N ARG A 346 23.19 2.12 23.44
CA ARG A 346 22.97 3.47 22.96
C ARG A 346 23.69 3.66 21.63
N PRO A 347 22.98 4.05 20.57
CA PRO A 347 23.66 4.26 19.28
C PRO A 347 24.57 5.47 19.35
N SER A 348 25.54 5.51 18.45
CA SER A 348 26.53 6.58 18.47
C SER A 348 25.91 7.94 18.21
N TRP A 349 24.71 8.00 17.63
CA TRP A 349 24.05 9.27 17.39
C TRP A 349 23.22 9.76 18.58
N ALA A 350 23.09 8.96 19.63
CA ALA A 350 22.20 9.29 20.73
C ALA A 350 22.92 10.06 21.84
N ALA A 351 22.21 11.03 22.42
CA ALA A 351 22.68 11.70 23.62
C ALA A 351 22.71 10.75 24.82
N ALA A 352 23.78 10.79 25.58
CA ALA A 352 23.74 10.19 26.92
C ALA A 352 23.07 11.14 27.91
N PRO A 353 22.31 10.61 28.88
CA PRO A 353 21.64 11.45 29.88
C PRO A 353 22.60 12.01 30.92
N PRO B 11 5.84 -28.50 0.19
CA PRO B 11 7.00 -28.10 1.01
C PRO B 11 7.53 -26.74 0.60
N GLY B 12 6.77 -25.67 0.82
CA GLY B 12 7.10 -24.39 0.27
C GLY B 12 6.26 -24.00 -0.94
N ASP B 13 5.57 -24.96 -1.55
CA ASP B 13 4.78 -24.71 -2.74
C ASP B 13 3.59 -23.80 -2.44
N LEU B 14 3.21 -23.00 -3.42
CA LEU B 14 2.08 -22.10 -3.31
C LEU B 14 1.15 -22.33 -4.48
N TYR B 15 -0.14 -22.16 -4.24
CA TYR B 15 -1.13 -22.46 -5.27
C TYR B 15 -2.12 -21.32 -5.40
N VAL B 16 -2.72 -21.24 -6.59
CA VAL B 16 -3.89 -20.42 -6.80
C VAL B 16 -5.09 -21.30 -6.48
N ALA B 17 -5.82 -20.97 -5.42
CA ALA B 17 -7.00 -21.71 -4.98
C ALA B 17 -8.28 -21.17 -5.57
N GLY B 18 -8.32 -19.87 -5.87
CA GLY B 18 -9.50 -19.25 -6.44
C GLY B 18 -9.13 -17.91 -7.05
N CYS B 19 -10.03 -17.41 -7.88
CA CYS B 19 -9.84 -16.10 -8.51
C CYS B 19 -11.19 -15.66 -9.06
N GLY B 20 -11.34 -14.36 -9.27
CA GLY B 20 -12.59 -13.81 -9.80
C GLY B 20 -12.42 -12.34 -10.15
N VAL B 21 -13.42 -11.83 -10.87
CA VAL B 21 -13.44 -10.44 -11.29
C VAL B 21 -14.88 -9.94 -11.13
N TRP B 22 -15.02 -8.62 -11.08
CA TRP B 22 -16.32 -7.96 -11.18
C TRP B 22 -16.15 -6.76 -12.09
N LEU B 23 -16.72 -6.81 -13.29
CA LEU B 23 -16.54 -5.78 -14.28
C LEU B 23 -17.87 -5.11 -14.60
N PRO B 24 -17.96 -3.79 -14.51
CA PRO B 24 -19.19 -3.07 -14.87
C PRO B 24 -19.43 -3.14 -16.37
N PRO B 25 -20.59 -2.71 -16.85
CA PRO B 25 -20.92 -2.89 -18.27
C PRO B 25 -19.97 -2.16 -19.17
N PRO B 26 -19.73 -2.66 -20.38
CA PRO B 26 -18.77 -2.04 -21.28
C PRO B 26 -19.35 -0.83 -22.00
N VAL B 27 -18.45 0.09 -22.32
CA VAL B 27 -18.69 1.21 -23.22
C VAL B 27 -17.87 0.93 -24.47
N THR B 28 -18.51 0.91 -25.62
CA THR B 28 -17.82 0.54 -26.84
C THR B 28 -16.97 1.71 -27.36
N THR B 29 -15.98 1.36 -28.18
CA THR B 29 -15.20 2.39 -28.85
C THR B 29 -16.09 3.25 -29.76
N GLU B 30 -17.06 2.64 -30.42
CA GLU B 30 -17.98 3.41 -31.24
C GLU B 30 -18.71 4.45 -30.40
N GLN B 31 -19.15 4.09 -29.21
CA GLN B 31 -19.84 5.05 -28.37
C GLN B 31 -18.90 6.13 -27.88
N ALA B 32 -17.64 5.75 -27.64
CA ALA B 32 -16.62 6.71 -27.24
C ALA B 32 -16.30 7.67 -28.37
N LEU B 33 -16.17 7.14 -29.59
CA LEU B 33 -16.00 8.01 -30.74
C LEU B 33 -17.12 9.03 -30.84
N ALA B 34 -18.38 8.56 -30.74
CA ALA B 34 -19.54 9.44 -30.88
C ALA B 34 -19.60 10.53 -29.82
N ALA B 35 -19.15 10.24 -28.60
CA ALA B 35 -19.19 11.23 -27.53
C ALA B 35 -17.99 12.17 -27.57
N GLY B 36 -17.07 11.97 -28.51
CA GLY B 36 -15.85 12.76 -28.50
C GLY B 36 -14.97 12.49 -27.29
N HIS B 37 -14.85 11.22 -26.88
CA HIS B 37 -13.87 10.80 -25.89
C HIS B 37 -12.63 10.19 -26.54
N CYS B 38 -12.76 9.79 -27.79
CA CYS B 38 -11.75 9.06 -28.56
C CYS B 38 -11.80 9.58 -29.98
N ASP B 39 -10.63 9.77 -30.62
CA ASP B 39 -10.60 10.10 -32.04
C ASP B 39 -10.22 8.87 -32.87
N ARG B 40 -10.39 8.98 -34.19
CA ARG B 40 -10.16 7.82 -35.06
C ARG B 40 -8.72 7.36 -35.03
N ARG B 41 -7.78 8.29 -34.85
CA ARG B 41 -6.38 7.89 -34.78
C ARG B 41 -6.11 7.08 -33.52
N LEU B 42 -6.72 7.46 -32.39
CA LEU B 42 -6.55 6.70 -31.16
C LEU B 42 -7.25 5.35 -31.24
N ALA B 43 -8.50 5.34 -31.76
CA ALA B 43 -9.19 4.07 -31.93
C ALA B 43 -8.37 3.13 -32.80
N SER B 44 -7.76 3.66 -33.85
CA SER B 44 -6.99 2.84 -34.77
C SER B 44 -5.68 2.39 -34.16
N SER B 45 -4.97 3.28 -33.45
CA SER B 45 -3.69 2.89 -32.86
C SER B 45 -3.85 1.90 -31.71
N THR B 46 -4.89 2.05 -30.87
CA THR B 46 -5.06 1.12 -29.75
C THR B 46 -5.81 -0.15 -30.14
N ARG B 47 -6.67 -0.06 -31.16
CA ARG B 47 -7.54 -1.17 -31.58
C ARG B 47 -8.44 -1.67 -30.43
N MET B 48 -8.77 -0.80 -29.49
CA MET B 48 -9.65 -1.18 -28.41
C MET B 48 -11.07 -1.37 -28.94
N LEU B 49 -11.81 -2.34 -28.40
CA LEU B 49 -13.20 -2.50 -28.79
C LEU B 49 -14.19 -1.98 -27.76
N SER B 50 -13.84 -2.08 -26.47
CA SER B 50 -14.70 -1.59 -25.40
C SER B 50 -13.89 -1.53 -24.10
N VAL B 51 -14.44 -0.83 -23.10
CA VAL B 51 -13.81 -0.66 -21.79
C VAL B 51 -14.89 -0.74 -20.72
N ALA B 52 -14.60 -1.44 -19.62
CA ALA B 52 -15.57 -1.55 -18.54
C ALA B 52 -15.69 -0.23 -17.78
N VAL B 53 -16.90 0.28 -17.65
CA VAL B 53 -17.12 1.58 -17.03
C VAL B 53 -18.16 1.44 -15.92
N ALA B 54 -17.80 1.91 -14.72
CA ALA B 54 -18.69 1.86 -13.57
C ALA B 54 -19.54 3.13 -13.49
N ASP B 55 -20.73 2.96 -12.95
CA ASP B 55 -21.61 4.09 -12.70
C ASP B 55 -21.50 4.53 -11.26
N LYS B 56 -22.14 3.79 -10.36
CA LYS B 56 -22.14 4.15 -8.96
C LYS B 56 -21.20 3.28 -8.10
N GLU B 57 -20.68 2.19 -8.65
CA GLU B 57 -19.82 1.29 -7.89
C GLU B 57 -18.47 1.94 -7.60
N THR B 58 -18.02 1.88 -6.36
CA THR B 58 -16.74 2.42 -5.96
C THR B 58 -15.68 1.34 -6.01
N PRO B 59 -14.40 1.71 -5.94
CA PRO B 59 -13.35 0.70 -6.13
C PRO B 59 -13.40 -0.43 -5.11
N ALA B 60 -13.57 -0.12 -3.83
CA ALA B 60 -13.59 -1.20 -2.85
C ALA B 60 -14.84 -2.05 -3.00
N GLU B 61 -15.97 -1.45 -3.39
CA GLU B 61 -17.17 -2.25 -3.64
C GLU B 61 -16.89 -3.30 -4.71
N MET B 62 -16.28 -2.89 -5.81
CA MET B 62 -16.00 -3.83 -6.89
C MET B 62 -14.95 -4.87 -6.48
N ALA B 63 -13.92 -4.44 -5.74
CA ALA B 63 -12.96 -5.39 -5.20
C ALA B 63 -13.64 -6.43 -4.31
N ALA B 64 -14.54 -5.99 -3.43
CA ALA B 64 -15.20 -6.92 -2.51
C ALA B 64 -16.08 -7.93 -3.26
N LEU B 65 -16.77 -7.48 -4.31
CA LEU B 65 -17.59 -8.40 -5.12
C LEU B 65 -16.72 -9.43 -5.82
N ALA B 66 -15.55 -9.01 -6.34
CA ALA B 66 -14.64 -9.98 -6.95
C ALA B 66 -14.10 -10.95 -5.93
N ALA B 67 -13.82 -10.47 -4.70
CA ALA B 67 -13.30 -11.35 -3.64
C ALA B 67 -14.32 -12.40 -3.24
N GLN B 68 -15.60 -12.01 -3.16
CA GLN B 68 -16.65 -12.98 -2.86
C GLN B 68 -16.65 -14.11 -3.89
N THR B 69 -16.59 -13.77 -5.18
CA THR B 69 -16.54 -14.83 -6.18
C THR B 69 -15.29 -15.69 -6.00
N ALA B 70 -14.13 -15.05 -5.84
CA ALA B 70 -12.87 -15.80 -5.69
C ALA B 70 -12.86 -16.66 -4.43
N LEU B 71 -13.35 -16.15 -3.31
CA LEU B 71 -13.36 -16.96 -2.10
C LEU B 71 -14.35 -18.11 -2.22
N ASP B 72 -15.53 -17.85 -2.77
CA ASP B 72 -16.50 -18.93 -2.97
C ASP B 72 -15.92 -20.03 -3.85
N ARG B 73 -15.24 -19.65 -4.94
CA ARG B 73 -14.61 -20.64 -5.81
C ARG B 73 -13.54 -21.45 -5.10
N SER B 74 -12.78 -20.80 -4.21
CA SER B 74 -11.65 -21.48 -3.60
C SER B 74 -12.06 -22.50 -2.55
N GLY B 75 -13.24 -22.34 -1.94
CA GLY B 75 -13.62 -23.15 -0.80
C GLY B 75 -12.81 -22.93 0.48
N VAL B 76 -12.02 -21.88 0.57
CA VAL B 76 -11.21 -21.62 1.76
C VAL B 76 -12.10 -20.98 2.83
N ALA B 77 -12.05 -21.53 4.04
CA ALA B 77 -12.85 -20.96 5.11
C ALA B 77 -12.25 -19.62 5.53
N PRO B 78 -13.08 -18.70 6.02
CA PRO B 78 -12.56 -17.39 6.47
C PRO B 78 -11.45 -17.52 7.52
N ALA B 79 -11.47 -18.57 8.34
CA ALA B 79 -10.44 -18.69 9.38
C ALA B 79 -9.07 -19.01 8.80
N HIS B 80 -9.03 -19.48 7.55
CA HIS B 80 -7.77 -19.79 6.88
C HIS B 80 -7.30 -18.68 5.96
N VAL B 81 -8.03 -17.58 5.90
CA VAL B 81 -7.56 -16.39 5.20
C VAL B 81 -6.73 -15.62 6.22
N ASP B 82 -5.42 -15.63 6.05
CA ASP B 82 -4.52 -15.08 7.05
C ASP B 82 -3.94 -13.72 6.67
N LEU B 83 -4.30 -13.19 5.50
CA LEU B 83 -3.89 -11.85 5.09
C LEU B 83 -4.82 -11.37 4.00
N VAL B 84 -5.15 -10.08 4.03
CA VAL B 84 -5.91 -9.42 2.96
C VAL B 84 -5.10 -8.21 2.49
N LEU B 85 -4.75 -8.19 1.21
CA LEU B 85 -4.01 -7.08 0.62
C LEU B 85 -4.83 -6.53 -0.54
N HIS B 86 -5.12 -5.23 -0.49
CA HIS B 86 -5.91 -4.56 -1.51
C HIS B 86 -5.03 -3.56 -2.23
N ALA B 87 -4.85 -3.75 -3.54
CA ALA B 87 -4.00 -2.94 -4.40
C ALA B 87 -4.83 -2.03 -5.31
N SER B 88 -4.30 -0.86 -5.61
CA SER B 88 -4.99 0.08 -6.47
C SER B 88 -4.01 1.14 -6.93
N LEU B 89 -4.40 1.90 -7.96
CA LEU B 89 -3.52 2.97 -8.43
C LEU B 89 -4.20 4.34 -8.49
N TYR B 90 -5.47 4.44 -8.15
CA TYR B 90 -6.14 5.73 -8.22
C TYR B 90 -7.01 5.88 -6.98
N PHE B 91 -7.53 7.09 -6.80
CA PHE B 91 -8.27 7.46 -5.59
C PHE B 91 -9.36 6.45 -5.24
N GLN B 92 -9.35 6.01 -3.97
CA GLN B 92 -10.29 5.00 -3.54
C GLN B 92 -11.61 5.58 -3.03
N GLY B 93 -11.76 6.90 -2.94
CA GLY B 93 -13.06 7.52 -2.74
C GLY B 93 -13.20 8.26 -1.42
N HIS B 94 -12.44 7.89 -0.38
CA HIS B 94 -12.60 8.48 0.94
C HIS B 94 -11.25 8.53 1.64
N HIS B 95 -10.78 9.73 1.97
CA HIS B 95 -9.52 9.91 2.66
C HIS B 95 -9.65 9.52 4.13
N LEU B 96 -8.56 8.98 4.68
CA LEU B 96 -8.46 8.56 6.08
C LEU B 96 -9.41 7.43 6.40
N TRP B 97 -9.79 6.70 5.36
CA TRP B 97 -10.66 5.53 5.43
C TRP B 97 -9.87 4.33 4.90
N ALA B 98 -10.24 3.12 5.36
CA ALA B 98 -9.49 1.89 5.07
C ALA B 98 -10.23 1.01 4.06
N PRO B 99 -9.98 1.17 2.74
CA PRO B 99 -10.70 0.32 1.77
C PRO B 99 -10.44 -1.17 1.99
N SER B 100 -9.25 -1.50 2.47
CA SER B 100 -8.92 -2.89 2.74
C SER B 100 -9.80 -3.47 3.85
N SER B 101 -10.18 -2.66 4.82
CA SER B 101 -11.08 -3.13 5.88
C SER B 101 -12.50 -3.32 5.34
N TYR B 102 -12.90 -2.50 4.37
CA TYR B 102 -14.19 -2.74 3.72
C TYR B 102 -14.21 -4.09 3.00
N VAL B 103 -13.17 -4.37 2.23
CA VAL B 103 -13.09 -5.66 1.55
C VAL B 103 -13.14 -6.80 2.56
N GLN B 104 -12.40 -6.66 3.67
CA GLN B 104 -12.43 -7.67 4.71
C GLN B 104 -13.83 -7.83 5.28
N ARG B 105 -14.47 -6.73 5.66
CA ARG B 105 -15.78 -6.83 6.31
C ARG B 105 -16.79 -7.48 5.36
N VAL B 106 -16.81 -7.06 4.10
CA VAL B 106 -17.87 -7.47 3.18
C VAL B 106 -17.63 -8.86 2.62
N ALA B 107 -16.38 -9.20 2.34
CA ALA B 107 -16.09 -10.42 1.60
C ALA B 107 -15.53 -11.54 2.45
N VAL B 108 -14.87 -11.26 3.57
CA VAL B 108 -14.17 -12.28 4.33
C VAL B 108 -14.84 -12.57 5.66
N GLY B 109 -15.18 -11.53 6.41
CA GLY B 109 -15.75 -11.71 7.73
C GLY B 109 -14.81 -12.23 8.79
N ASN B 110 -13.50 -12.01 8.66
CA ASN B 110 -12.58 -12.48 9.69
C ASN B 110 -11.79 -11.33 10.29
N ARG B 111 -10.67 -11.63 10.97
CA ARG B 111 -9.90 -10.59 11.64
C ARG B 111 -8.39 -10.71 11.45
N CYS B 112 -7.94 -11.25 10.33
CA CYS B 112 -6.51 -11.25 10.02
C CYS B 112 -6.10 -9.82 9.62
N PRO B 113 -4.81 -9.53 9.51
CA PRO B 113 -4.42 -8.17 9.08
C PRO B 113 -4.93 -7.84 7.67
N ALA B 114 -5.38 -6.61 7.51
CA ALA B 114 -5.91 -6.12 6.24
C ALA B 114 -5.24 -4.81 5.89
N MET B 115 -4.64 -4.73 4.71
CA MET B 115 -3.98 -3.48 4.38
C MET B 115 -3.92 -3.30 2.87
N GLU B 116 -3.47 -2.11 2.49
CA GLU B 116 -3.27 -1.76 1.10
C GLU B 116 -1.83 -1.95 0.70
N VAL B 117 -1.64 -2.33 -0.56
CA VAL B 117 -0.33 -2.41 -1.19
C VAL B 117 -0.45 -1.72 -2.55
N ARG B 118 0.49 -0.84 -2.86
CA ARG B 118 0.44 -0.12 -4.13
C ARG B 118 1.77 -0.05 -4.86
N GLN B 119 1.70 -0.24 -6.16
CA GLN B 119 2.88 -0.20 -7.04
C GLN B 119 2.41 0.13 -8.47
N VAL B 120 1.61 1.18 -8.59
CA VAL B 120 1.10 1.60 -9.89
C VAL B 120 0.35 0.46 -10.58
N 42Y B 121 0.58 0.33 -11.88
CA 42Y B 121 -0.07 -0.73 -12.68
CB 42Y B 121 -0.06 -0.41 -14.18
OG 42Y B 121 -0.49 0.89 -14.40
C1A 42Y B 121 0.41 2.00 -14.73
OAC 42Y B 121 1.53 2.16 -14.40
C2A 42Y B 121 -0.15 3.18 -15.55
C 42Y B 121 0.43 -2.16 -12.38
O 42Y B 121 -0.08 -3.13 -12.73
C1 42Y B 121 0.91 4.16 -16.10
N ASN B 122 1.49 -2.30 -11.59
CA ASN B 122 2.04 -3.58 -11.10
C ASN B 122 1.60 -3.94 -9.67
N GLY B 123 0.61 -3.21 -9.16
CA GLY B 123 0.21 -3.38 -7.76
C GLY B 123 -0.27 -4.77 -7.41
N GLY B 124 -0.99 -5.43 -8.34
CA GLY B 124 -1.50 -6.77 -8.04
C GLY B 124 -0.38 -7.77 -7.80
N MET B 125 0.64 -7.74 -8.66
CA MET B 125 1.80 -8.62 -8.51
C MET B 125 2.65 -8.27 -7.30
N ALA B 126 2.76 -6.96 -6.96
CA ALA B 126 3.45 -6.54 -5.75
C ALA B 126 2.80 -7.14 -4.51
N ALA B 127 1.46 -7.07 -4.44
CA ALA B 127 0.76 -7.68 -3.33
C ALA B 127 0.96 -9.20 -3.32
N LEU B 128 1.03 -9.80 -4.51
CA LEU B 128 1.32 -11.22 -4.59
C LEU B 128 2.68 -11.56 -3.97
N GLU B 129 3.68 -10.70 -4.21
CA GLU B 129 5.00 -10.91 -3.61
C GLU B 129 4.93 -10.86 -2.09
N LEU B 130 4.26 -9.83 -1.55
CA LEU B 130 4.18 -9.68 -0.09
C LEU B 130 3.30 -10.77 0.52
N ALA B 131 2.20 -11.14 -0.16
CA ALA B 131 1.38 -12.26 0.32
C ALA B 131 2.20 -13.55 0.39
N ARG B 132 2.98 -13.85 -0.65
CA ARG B 132 3.79 -15.07 -0.66
C ARG B 132 4.77 -15.08 0.52
N ALA B 133 5.47 -13.97 0.73
CA ALA B 133 6.38 -13.89 1.88
C ALA B 133 5.62 -14.12 3.18
N TYR B 134 4.45 -13.47 3.33
CA TYR B 134 3.72 -13.59 4.60
C TYR B 134 3.37 -15.05 4.88
N LEU B 135 2.87 -15.77 3.87
CA LEU B 135 2.47 -17.15 4.08
C LEU B 135 3.68 -18.02 4.40
N LEU B 136 4.83 -17.72 3.78
CA LEU B 136 6.03 -18.52 4.01
C LEU B 136 6.80 -18.15 5.27
N ALA B 137 6.44 -17.06 5.94
CA ALA B 137 7.19 -16.58 7.11
C ALA B 137 6.78 -17.27 8.40
N ALA B 138 5.73 -18.08 8.41
CA ALA B 138 5.33 -18.72 9.66
C ALA B 138 4.72 -20.04 9.27
N PRO B 139 5.01 -21.11 10.00
CA PRO B 139 4.68 -22.46 9.51
C PRO B 139 3.19 -22.79 9.46
N ASP B 140 2.32 -22.08 10.17
CA ASP B 140 0.93 -22.49 10.23
C ASP B 140 -0.02 -21.66 9.36
N ARG B 141 0.48 -20.67 8.62
CA ARG B 141 -0.39 -19.87 7.76
C ARG B 141 -0.87 -20.69 6.55
N VAL B 142 -2.06 -20.35 6.05
CA VAL B 142 -2.74 -21.14 5.01
C VAL B 142 -2.92 -20.34 3.71
N ALA B 143 -3.78 -19.32 3.73
CA ALA B 143 -4.21 -18.62 2.53
C ALA B 143 -4.12 -17.11 2.71
N ALA B 144 -4.10 -16.40 1.59
CA ALA B 144 -4.12 -14.94 1.58
C ALA B 144 -5.04 -14.49 0.44
N LEU B 145 -5.72 -13.37 0.67
CA LEU B 145 -6.61 -12.81 -0.34
C LEU B 145 -5.98 -11.54 -0.88
N ILE B 146 -5.92 -11.44 -2.19
CA ILE B 146 -5.40 -10.29 -2.92
C ILE B 146 -6.53 -9.71 -3.75
N THR B 147 -6.74 -8.40 -3.68
CA THR B 147 -7.79 -7.76 -4.49
C THR B 147 -7.24 -6.48 -5.12
N THR B 148 -7.94 -6.05 -6.16
CA THR B 148 -7.66 -4.78 -6.82
C THR B 148 -8.99 -4.13 -7.17
N GLY B 149 -9.00 -2.81 -7.23
CA GLY B 149 -10.21 -2.09 -7.58
C GLY B 149 -9.88 -0.65 -7.87
N ASP B 150 -10.47 -0.09 -8.93
CA ASP B 150 -10.26 1.31 -9.28
C ASP B 150 -11.45 1.81 -10.07
N ARG B 151 -11.61 3.13 -10.05
CA ARG B 151 -12.69 3.76 -10.81
C ARG B 151 -12.09 5.05 -11.35
N MET B 152 -11.98 5.16 -12.67
CA MET B 152 -11.17 6.21 -13.30
C MET B 152 -12.09 7.25 -13.92
N HIS B 153 -12.75 8.09 -13.05
CA HIS B 153 -13.81 8.93 -13.57
C HIS B 153 -13.37 10.36 -13.89
N PRO B 154 -14.05 10.94 -14.86
CA PRO B 154 -13.80 12.22 -15.51
C PRO B 154 -13.25 13.39 -14.79
N PRO B 155 -13.69 13.64 -13.50
CA PRO B 155 -13.03 14.80 -12.87
C PRO B 155 -11.49 14.91 -12.87
N GLY B 156 -10.83 13.92 -12.31
CA GLY B 156 -9.38 13.95 -12.24
C GLY B 156 -8.72 13.01 -13.21
N PHE B 157 -9.45 12.20 -13.95
CA PHE B 157 -8.84 11.26 -14.87
C PHE B 157 -9.61 11.19 -16.17
N ASP B 158 -8.88 11.05 -17.28
CA ASP B 158 -9.48 10.82 -18.60
C ASP B 158 -9.04 9.43 -19.06
N ARG B 159 -9.96 8.46 -19.00
CA ARG B 159 -9.61 7.06 -19.28
C ARG B 159 -8.98 6.88 -20.65
N TRP B 160 -9.33 7.72 -21.64
CA TRP B 160 -8.79 7.57 -22.99
C TRP B 160 -7.54 8.40 -23.24
N SER B 161 -7.34 9.53 -22.55
CA SER B 161 -6.23 10.38 -22.93
C SER B 161 -5.32 10.82 -21.80
N SER B 162 -5.58 10.43 -20.55
CA SER B 162 -4.62 10.70 -19.48
C SER B 162 -3.29 10.00 -19.71
N ASP B 163 -3.33 8.85 -20.39
CA ASP B 163 -2.14 8.04 -20.67
C ASP B 163 -2.35 7.43 -22.04
N PRO B 164 -2.21 8.25 -23.10
CA PRO B 164 -2.55 7.82 -24.45
C PRO B 164 -1.86 6.52 -24.83
N GLY B 165 -2.62 5.61 -25.46
CA GLY B 165 -2.13 4.32 -25.86
C GLY B 165 -2.57 3.19 -24.94
N THR B 166 -3.13 3.53 -23.78
CA THR B 166 -3.73 2.57 -22.86
C THR B 166 -5.05 3.17 -22.43
N VAL B 167 -6.12 2.37 -22.43
CA VAL B 167 -7.44 2.88 -22.05
C VAL B 167 -7.80 2.21 -20.72
N TYR B 168 -8.03 3.02 -19.69
CA TYR B 168 -8.17 2.53 -18.33
C TYR B 168 -9.62 2.13 -18.05
N ALA B 169 -9.78 1.00 -17.37
CA ALA B 169 -11.06 0.39 -17.03
C ALA B 169 -11.40 0.58 -15.56
N ASP B 170 -12.68 0.44 -15.28
CA ASP B 170 -13.19 0.33 -13.92
C ASP B 170 -13.46 -1.13 -13.65
N GLY B 171 -13.26 -1.54 -12.40
CA GLY B 171 -13.59 -2.91 -12.02
C GLY B 171 -12.74 -3.40 -10.87
N GLY B 172 -13.07 -4.60 -10.42
CA GLY B 172 -12.34 -5.25 -9.35
C GLY B 172 -11.90 -6.64 -9.78
N THR B 173 -10.81 -7.12 -9.14
CA THR B 173 -10.29 -8.45 -9.37
C THR B 173 -9.89 -9.03 -8.01
N ALA B 174 -9.74 -10.36 -7.95
CA ALA B 174 -9.36 -10.98 -6.70
C ALA B 174 -8.73 -12.34 -6.96
N LEU B 175 -7.77 -12.71 -6.11
CA LEU B 175 -7.09 -13.98 -6.18
C LEU B 175 -6.80 -14.51 -4.77
N VAL B 176 -7.02 -15.81 -4.56
CA VAL B 176 -6.77 -16.47 -3.29
C VAL B 176 -5.53 -17.35 -3.45
N LEU B 177 -4.48 -17.03 -2.69
CA LEU B 177 -3.21 -17.74 -2.70
C LEU B 177 -3.15 -18.66 -1.49
N SER B 178 -2.67 -19.89 -1.68
CA SER B 178 -2.76 -20.85 -0.59
C SER B 178 -1.54 -21.77 -0.56
N ARG B 179 -1.18 -22.17 0.67
CA ARG B 179 -0.15 -23.17 0.89
C ARG B 179 -0.69 -24.59 0.93
N GLN B 180 -2.01 -24.78 1.08
CA GLN B 180 -2.52 -26.14 1.20
C GLN B 180 -2.72 -26.78 -0.15
N GLY B 181 -3.29 -26.05 -1.10
CA GLY B 181 -3.53 -26.58 -2.42
C GLY B 181 -4.38 -25.63 -3.24
N GLY B 182 -4.65 -26.04 -4.47
CA GLY B 182 -5.42 -25.23 -5.40
C GLY B 182 -5.38 -25.87 -6.77
N PHE B 183 -6.07 -25.22 -7.71
CA PHE B 183 -6.15 -25.77 -9.06
C PHE B 183 -4.94 -25.41 -9.94
N ALA B 184 -4.08 -24.51 -9.50
CA ALA B 184 -2.85 -24.18 -10.22
C ALA B 184 -1.71 -23.97 -9.22
N ARG B 185 -0.49 -24.27 -9.64
CA ARG B 185 0.69 -24.09 -8.80
C ARG B 185 1.49 -22.91 -9.31
N LEU B 186 1.90 -22.04 -8.40
CA LEU B 186 2.79 -20.92 -8.70
C LEU B 186 4.19 -21.48 -8.86
N ARG B 187 4.70 -21.48 -10.08
CA ARG B 187 6.00 -22.08 -10.32
C ARG B 187 7.14 -21.09 -10.11
N SER B 188 6.90 -19.81 -10.36
CA SER B 188 7.90 -18.78 -10.18
C SER B 188 7.23 -17.42 -10.13
N LEU B 189 7.88 -16.47 -9.46
CA LEU B 189 7.42 -15.07 -9.42
C LEU B 189 8.64 -14.20 -9.13
N VAL B 190 8.95 -13.26 -10.02
CA VAL B 190 10.11 -12.37 -9.85
C VAL B 190 9.71 -10.93 -10.07
N THR B 191 10.33 -10.02 -9.31
CA THR B 191 10.03 -8.60 -9.45
C THR B 191 11.31 -7.82 -9.68
N VAL B 192 11.27 -6.92 -10.66
CA VAL B 192 12.43 -6.14 -11.05
C VAL B 192 12.11 -4.66 -10.81
N SER B 193 13.09 -3.90 -10.30
CA SER B 193 12.90 -2.50 -9.98
C SER B 193 13.96 -1.64 -10.68
N GLU B 194 13.53 -0.57 -11.36
CA GLU B 194 14.42 0.45 -11.93
C GLU B 194 13.94 1.82 -11.47
N PRO B 195 14.32 2.24 -10.27
CA PRO B 195 13.81 3.53 -9.76
C PRO B 195 14.34 4.74 -10.52
N VAL B 196 15.34 4.59 -11.39
CA VAL B 196 15.82 5.76 -12.10
C VAL B 196 14.74 6.33 -13.03
N LEU B 197 13.75 5.52 -13.40
CA LEU B 197 12.64 5.92 -14.28
C LEU B 197 11.49 6.61 -13.53
N GLU B 198 11.58 6.64 -12.20
CA GLU B 198 10.62 7.25 -11.29
C GLU B 198 10.03 8.58 -11.79
N GLY B 199 10.88 9.51 -12.19
CA GLY B 199 10.43 10.84 -12.60
C GLY B 199 9.67 10.89 -13.91
N MET B 200 9.59 9.79 -14.64
CA MET B 200 8.86 9.82 -15.90
C MET B 200 7.36 10.07 -15.71
N HIS B 201 6.81 9.81 -14.53
CA HIS B 201 5.37 9.91 -14.32
C HIS B 201 4.94 11.03 -13.38
N ARG B 202 5.76 12.06 -13.19
CA ARG B 202 5.41 13.16 -12.31
C ARG B 202 6.02 14.45 -12.86
N GLY B 203 5.57 15.57 -12.32
CA GLY B 203 6.24 16.83 -12.59
C GLY B 203 7.40 17.10 -11.64
N GLY B 204 8.11 18.18 -11.93
CA GLY B 204 9.28 18.61 -11.17
C GLY B 204 10.48 18.58 -12.10
N HIS B 205 11.43 17.70 -11.80
CA HIS B 205 12.64 17.51 -12.59
C HIS B 205 12.89 16.03 -12.45
N PRO B 206 13.09 15.32 -13.55
CA PRO B 206 13.29 13.87 -13.38
C PRO B 206 14.21 13.49 -12.25
N PHE B 207 15.24 14.29 -11.98
CA PHE B 207 16.23 13.89 -10.99
C PHE B 207 16.32 14.86 -9.83
N GLY B 208 15.29 15.68 -9.64
CA GLY B 208 15.15 16.47 -8.42
C GLY B 208 13.88 16.08 -7.68
N PRO B 209 13.48 16.88 -6.71
CA PRO B 209 12.26 16.58 -5.95
C PRO B 209 11.03 16.79 -6.80
N PRO B 210 9.91 16.16 -6.44
CA PRO B 210 8.67 16.34 -7.20
C PRO B 210 8.15 17.77 -7.10
N SER B 211 7.38 18.18 -8.11
CA SER B 211 6.77 19.51 -8.07
C SER B 211 5.62 19.52 -7.07
N PRO B 212 5.13 20.68 -6.69
CA PRO B 212 4.00 20.75 -5.77
C PRO B 212 2.70 20.21 -6.28
N GLU B 213 2.03 19.48 -5.40
CA GLU B 213 0.75 18.83 -5.68
C GLU B 213 0.10 19.07 -7.04
N GLU B 214 -0.15 17.97 -7.76
CA GLU B 214 -0.82 17.98 -9.03
C GLU B 214 -2.33 18.26 -8.94
N GLN B 215 -2.71 19.51 -9.21
CA GLN B 215 -4.14 19.92 -9.12
C GLN B 215 -4.59 20.10 -10.58
N ARG B 216 -4.84 19.00 -11.27
CA ARG B 216 -5.47 19.00 -12.59
C ARG B 216 -5.64 17.54 -12.95
N ALA B 217 -6.29 17.31 -14.08
CA ALA B 217 -6.44 15.97 -14.63
C ALA B 217 -5.07 15.33 -14.92
N VAL B 218 -4.97 14.03 -14.68
CA VAL B 218 -3.72 13.33 -14.91
C VAL B 218 -3.31 13.47 -16.36
N ASP B 219 -2.04 13.88 -16.58
CA ASP B 219 -1.48 14.08 -17.93
C ASP B 219 -0.08 13.47 -18.01
N LEU B 220 -0.02 12.14 -18.19
CA LEU B 220 1.26 11.44 -18.19
C LEU B 220 2.11 11.77 -19.42
N ASP B 221 1.47 12.07 -20.55
CA ASP B 221 2.24 12.35 -21.75
C ASP B 221 3.19 13.54 -21.56
N ALA B 222 2.73 14.58 -20.87
CA ALA B 222 3.57 15.73 -20.55
C ALA B 222 4.80 15.32 -19.75
N HIS B 223 4.63 14.49 -18.71
CA HIS B 223 5.76 14.12 -17.89
C HIS B 223 6.72 13.19 -18.62
N LYS B 224 6.19 12.31 -19.49
CA LYS B 224 7.07 11.43 -20.24
C LYS B 224 7.93 12.22 -21.23
N ARG B 225 7.35 13.22 -21.90
CA ARG B 225 8.14 14.03 -22.80
C ARG B 225 9.22 14.79 -22.05
N ALA B 226 8.89 15.33 -20.87
CA ALA B 226 9.90 16.06 -20.11
C ALA B 226 11.02 15.14 -19.62
N TYR B 227 10.70 13.87 -19.34
CA TYR B 227 11.74 12.94 -18.89
C TYR B 227 12.66 12.58 -20.03
N VAL B 228 12.09 12.34 -21.20
CA VAL B 228 12.90 11.97 -22.35
C VAL B 228 13.79 13.14 -22.76
N ALA B 229 13.25 14.35 -22.76
CA ALA B 229 14.06 15.53 -23.06
C ALA B 229 15.27 15.61 -22.13
N GLU B 230 15.08 15.29 -20.86
CA GLU B 230 16.18 15.45 -19.92
C GLU B 230 17.13 14.25 -19.90
N ALA B 231 16.61 13.04 -19.94
CA ALA B 231 17.45 11.85 -19.80
C ALA B 231 17.85 11.24 -21.14
N GLY B 232 17.14 11.54 -22.20
CA GLY B 232 17.48 10.99 -23.48
C GLY B 232 16.62 9.80 -23.83
N SER B 233 16.23 9.77 -25.10
CA SER B 233 15.38 8.69 -25.63
C SER B 233 16.11 7.35 -25.62
N SER B 234 17.37 7.35 -26.08
CA SER B 234 18.17 6.13 -26.10
C SER B 234 18.26 5.51 -24.71
N PHE B 235 18.52 6.31 -23.69
CA PHE B 235 18.59 5.79 -22.33
C PHE B 235 17.24 5.23 -21.86
N SER B 236 16.15 6.00 -22.07
CA SER B 236 14.83 5.62 -21.59
C SER B 236 14.37 4.30 -22.19
N VAL B 237 14.41 4.20 -23.52
CA VAL B 237 13.99 2.99 -24.21
C VAL B 237 14.84 1.79 -23.78
N ALA B 238 16.17 1.98 -23.66
CA ALA B 238 17.02 0.86 -23.30
C ALA B 238 16.72 0.37 -21.88
N ARG B 239 16.61 1.31 -20.93
CA ARG B 239 16.38 0.92 -19.55
C ARG B 239 15.02 0.22 -19.38
N VAL B 240 13.98 0.74 -20.03
CA VAL B 240 12.68 0.07 -20.01
C VAL B 240 12.77 -1.33 -20.61
N SER B 241 13.47 -1.45 -21.75
CA SER B 241 13.62 -2.76 -22.38
C SER B 241 14.36 -3.74 -21.47
N ALA B 242 15.39 -3.26 -20.77
CA ALA B 242 16.20 -4.11 -19.92
C ALA B 242 15.40 -4.64 -18.73
N GLY B 243 14.59 -3.80 -18.10
CA GLY B 243 13.77 -4.28 -16.98
C GLY B 243 12.80 -5.37 -17.42
N GLN B 244 12.09 -5.13 -18.54
CA GLN B 244 11.16 -6.13 -19.06
C GLN B 244 11.87 -7.45 -19.36
N GLU B 245 13.06 -7.39 -19.95
CA GLU B 245 13.78 -8.61 -20.28
C GLU B 245 14.27 -9.32 -19.02
N GLU B 246 14.68 -8.57 -18.00
CA GLU B 246 15.12 -9.18 -16.76
C GLU B 246 13.97 -9.93 -16.07
N ALA B 247 12.80 -9.31 -15.98
CA ALA B 247 11.68 -9.96 -15.33
C ALA B 247 11.29 -11.22 -16.08
N LEU B 248 11.25 -11.15 -17.42
CA LEU B 248 10.85 -12.30 -18.22
C LEU B 248 11.81 -13.47 -18.04
N THR B 249 13.11 -13.25 -18.28
CA THR B 249 14.06 -14.36 -18.21
C THR B 249 14.23 -14.84 -16.77
N GLY B 250 14.12 -13.95 -15.80
CA GLY B 250 14.19 -14.38 -14.40
C GLY B 250 13.04 -15.32 -14.04
N ALA B 251 11.82 -14.97 -14.42
CA ALA B 251 10.68 -15.85 -14.10
C ALA B 251 10.79 -17.18 -14.81
N LEU B 252 11.14 -17.16 -16.11
CA LEU B 252 11.24 -18.40 -16.87
C LEU B 252 12.36 -19.29 -16.37
N GLU B 253 13.52 -18.70 -16.04
CA GLU B 253 14.62 -19.49 -15.50
C GLU B 253 14.27 -20.03 -14.12
N ALA B 254 13.58 -19.24 -13.28
CA ALA B 254 13.20 -19.75 -11.96
C ALA B 254 12.20 -20.91 -12.04
N ALA B 255 11.37 -20.95 -13.09
CA ALA B 255 10.44 -22.06 -13.27
C ALA B 255 11.06 -23.24 -14.03
N GLY B 256 12.31 -23.12 -14.51
CA GLY B 256 12.88 -24.17 -15.33
C GLY B 256 12.22 -24.28 -16.69
N ALA B 257 11.71 -23.17 -17.23
CA ALA B 257 11.05 -23.13 -18.52
C ALA B 257 11.71 -22.13 -19.46
N GLY B 258 11.44 -22.32 -20.75
CA GLY B 258 11.74 -21.31 -21.75
C GLY B 258 10.43 -20.83 -22.33
N LEU B 259 10.49 -19.71 -23.06
CA LEU B 259 9.27 -19.14 -23.62
C LEU B 259 8.53 -20.13 -24.52
N ASP B 260 9.26 -21.05 -25.17
CA ASP B 260 8.57 -22.02 -26.01
C ASP B 260 7.76 -23.03 -25.21
N ASP B 261 7.98 -23.13 -23.90
CA ASP B 261 7.18 -24.01 -23.05
C ASP B 261 5.90 -23.34 -22.57
N ILE B 262 5.70 -22.07 -22.84
CA ILE B 262 4.54 -21.34 -22.34
C ILE B 262 3.41 -21.52 -23.33
N SER B 263 2.23 -21.94 -22.84
CA SER B 263 1.08 -22.11 -23.69
C SER B 263 0.33 -20.80 -23.89
N ARG B 264 0.22 -19.98 -22.85
CA ARG B 264 -0.52 -18.73 -22.94
C ARG B 264 0.20 -17.63 -22.18
N VAL B 265 0.19 -16.42 -22.74
CA VAL B 265 0.80 -15.26 -22.10
C VAL B 265 -0.30 -14.30 -21.70
N VAL B 266 -0.35 -13.96 -20.41
CA VAL B 266 -1.28 -12.95 -19.92
C VAL B 266 -0.52 -11.62 -19.95
N LEU B 267 -0.90 -10.74 -20.90
CA LEU B 267 -0.23 -9.45 -21.05
C LEU B 267 -1.08 -8.35 -20.43
N PRO B 268 -0.47 -7.20 -20.13
CA PRO B 268 -1.28 -6.04 -19.71
C PRO B 268 -2.25 -5.65 -20.82
N HIS B 269 -3.36 -5.03 -20.42
CA HIS B 269 -4.42 -4.61 -21.35
C HIS B 269 -4.11 -3.21 -21.87
N MET B 270 -3.02 -3.12 -22.61
CA MET B 270 -2.67 -1.87 -23.27
C MET B 270 -3.19 -1.89 -24.71
N GLY B 271 -3.09 -0.74 -25.37
CA GLY B 271 -3.47 -0.66 -26.76
C GLY B 271 -2.51 -1.45 -27.64
N TRP B 272 -2.97 -1.72 -28.86
CA TRP B 272 -2.23 -2.59 -29.78
C TRP B 272 -0.83 -2.08 -30.08
N ARG B 273 -0.68 -0.77 -30.28
CA ARG B 273 0.64 -0.23 -30.59
C ARG B 273 1.63 -0.49 -29.46
N ARG B 274 1.23 -0.30 -28.20
CA ARG B 274 2.16 -0.57 -27.11
C ARG B 274 2.50 -2.05 -26.99
N LEU B 275 1.50 -2.93 -27.12
CA LEU B 275 1.77 -4.37 -27.01
C LEU B 275 2.65 -4.86 -28.16
N SER B 276 2.46 -4.28 -29.33
CA SER B 276 3.24 -4.69 -30.49
C SER B 276 4.70 -4.36 -30.26
N ALA B 277 4.97 -3.14 -29.79
CA ALA B 277 6.35 -2.69 -29.59
C ALA B 277 6.99 -3.43 -28.42
N ALA B 278 6.26 -3.63 -27.33
CA ALA B 278 6.85 -4.26 -26.15
C ALA B 278 6.93 -5.78 -26.29
N TYR B 279 5.94 -6.40 -26.93
CA TYR B 279 5.83 -7.86 -26.85
C TYR B 279 5.77 -8.58 -28.20
N PHE B 280 4.76 -8.28 -29.04
CA PHE B 280 4.56 -9.05 -30.27
C PHE B 280 5.76 -8.95 -31.22
N ASN B 281 6.26 -7.74 -31.45
CA ASN B 281 7.41 -7.57 -32.34
C ASN B 281 8.73 -7.84 -31.66
N LYS B 282 8.77 -7.84 -30.33
CA LYS B 282 10.01 -8.11 -29.61
C LYS B 282 10.23 -9.59 -29.37
N TRP B 283 9.24 -10.24 -28.81
CA TRP B 283 9.34 -11.64 -28.45
C TRP B 283 8.90 -12.56 -29.58
N HIS B 284 8.24 -12.02 -30.60
CA HIS B 284 7.76 -12.83 -31.72
C HIS B 284 6.77 -13.89 -31.25
N ILE B 285 5.82 -13.47 -30.42
CA ILE B 285 4.75 -14.36 -29.97
C ILE B 285 3.46 -13.92 -30.66
N GLN B 286 2.54 -14.89 -30.89
CA GLN B 286 1.32 -14.52 -31.58
C GLN B 286 0.32 -13.90 -30.59
N PRO B 287 -0.34 -12.82 -30.99
CA PRO B 287 -1.48 -12.32 -30.22
C PRO B 287 -2.50 -13.39 -29.81
N GLU B 288 -2.72 -14.40 -30.64
CA GLU B 288 -3.69 -15.46 -30.36
C GLU B 288 -3.28 -16.30 -29.14
N ARG B 289 -2.00 -16.25 -28.77
CA ARG B 289 -1.51 -16.96 -27.60
C ARG B 289 -1.60 -16.13 -26.33
N THR B 290 -2.13 -14.90 -26.42
CA THR B 290 -2.20 -13.97 -25.31
C THR B 290 -3.65 -13.63 -25.00
N THR B 291 -3.84 -12.78 -23.99
CA THR B 291 -5.16 -12.30 -23.64
C THR B 291 -5.55 -11.03 -24.41
N TRP B 292 -4.91 -10.78 -25.57
CA TRP B 292 -5.22 -9.58 -26.37
C TRP B 292 -6.73 -9.41 -26.59
N GLU B 293 -7.43 -10.45 -27.06
CA GLU B 293 -8.86 -10.28 -27.38
C GLU B 293 -9.67 -9.93 -26.14
N PHE B 294 -9.31 -10.54 -24.99
CA PHE B 294 -9.99 -10.22 -23.74
C PHE B 294 -9.70 -8.78 -23.29
N GLY B 295 -8.43 -8.41 -23.23
CA GLY B 295 -8.08 -7.08 -22.72
C GLY B 295 -8.66 -5.95 -23.55
N ARG B 296 -8.70 -6.13 -24.87
CA ARG B 296 -9.18 -5.07 -25.77
C ARG B 296 -10.69 -4.80 -25.62
N ARG B 297 -11.45 -5.69 -24.96
CA ARG B 297 -12.84 -5.41 -24.63
C ARG B 297 -13.04 -5.00 -23.19
N THR B 298 -12.00 -5.12 -22.36
CA THR B 298 -12.03 -4.78 -20.93
C THR B 298 -11.40 -3.44 -20.62
N GLY B 299 -10.20 -3.17 -21.15
CA GLY B 299 -9.42 -2.03 -20.74
C GLY B 299 -8.48 -2.38 -19.58
N HIS B 300 -7.63 -1.42 -19.25
CA HIS B 300 -6.60 -1.61 -18.22
C HIS B 300 -7.23 -1.53 -16.83
N LEU B 301 -7.22 -2.64 -16.09
CA LEU B 301 -7.86 -2.69 -14.76
C LEU B 301 -6.86 -2.37 -13.66
N GLY B 302 -6.23 -1.20 -13.81
CA GLY B 302 -5.15 -0.71 -12.97
C GLY B 302 -4.11 -1.80 -12.81
N GLY B 303 -3.88 -2.24 -11.58
CA GLY B 303 -2.98 -3.35 -11.32
C GLY B 303 -3.55 -4.76 -11.21
N GLY B 304 -4.79 -4.96 -11.66
CA GLY B 304 -5.46 -6.25 -11.66
C GLY B 304 -5.43 -7.06 -12.95
N ASP B 305 -4.83 -6.54 -14.04
CA ASP B 305 -4.83 -7.26 -15.32
C ASP B 305 -4.31 -8.69 -15.25
N PRO B 306 -3.18 -8.98 -14.60
CA PRO B 306 -2.74 -10.38 -14.56
C PRO B 306 -3.81 -11.28 -13.96
N ILE B 307 -4.51 -10.81 -12.93
CA ILE B 307 -5.56 -11.60 -12.31
C ILE B 307 -6.75 -11.75 -13.27
N ALA B 308 -7.23 -10.65 -13.85
CA ALA B 308 -8.36 -10.74 -14.77
C ALA B 308 -8.01 -11.64 -15.96
N GLY B 309 -6.80 -11.51 -16.49
CA GLY B 309 -6.46 -12.29 -17.68
C GLY B 309 -6.35 -13.77 -17.37
N PHE B 310 -5.72 -14.09 -16.23
CA PHE B 310 -5.60 -15.48 -15.80
C PHE B 310 -6.96 -16.09 -15.51
N ASP B 311 -7.81 -15.35 -14.81
CA ASP B 311 -9.17 -15.79 -14.57
C ASP B 311 -9.90 -16.05 -15.88
N HIS B 312 -9.72 -15.16 -16.87
CA HIS B 312 -10.36 -15.37 -18.17
C HIS B 312 -9.85 -16.65 -18.84
N LEU B 313 -8.53 -16.82 -18.90
CA LEU B 313 -7.96 -18.01 -19.53
C LEU B 313 -8.48 -19.29 -18.88
N VAL B 314 -8.54 -19.32 -17.54
CA VAL B 314 -8.96 -20.54 -16.87
C VAL B 314 -10.46 -20.76 -17.06
N GLY B 315 -11.26 -19.72 -16.81
CA GLY B 315 -12.71 -19.88 -16.87
C GLY B 315 -13.22 -20.25 -18.24
N SER B 316 -12.52 -19.82 -19.29
CA SER B 316 -12.92 -20.09 -20.65
C SER B 316 -12.32 -21.38 -21.19
N GLY B 317 -11.51 -22.08 -20.40
CA GLY B 317 -10.98 -23.37 -20.81
C GLY B 317 -9.88 -23.31 -21.84
N ARG B 318 -9.36 -22.12 -22.15
CA ARG B 318 -8.24 -22.01 -23.08
C ARG B 318 -6.92 -22.53 -22.51
N LEU B 319 -6.87 -22.86 -21.23
CA LEU B 319 -5.67 -23.41 -20.63
C LEU B 319 -5.98 -24.80 -20.10
N ALA B 320 -5.12 -25.76 -20.43
CA ALA B 320 -5.38 -27.16 -20.16
C ALA B 320 -4.47 -27.68 -19.04
N PRO B 321 -4.88 -28.72 -18.31
CA PRO B 321 -4.02 -29.25 -17.24
C PRO B 321 -2.64 -29.65 -17.76
N GLY B 322 -1.63 -29.34 -16.96
CA GLY B 322 -0.25 -29.50 -17.35
C GLY B 322 0.36 -28.29 -18.03
N GLU B 323 -0.44 -27.43 -18.64
CA GLU B 323 0.11 -26.29 -19.37
C GLU B 323 0.61 -25.19 -18.45
N LEU B 324 1.60 -24.44 -18.93
CA LEU B 324 2.19 -23.31 -18.21
C LEU B 324 1.64 -22.00 -18.75
N CYS B 325 1.45 -21.06 -17.87
CA CYS B 325 0.93 -19.74 -18.21
C CYS B 325 1.91 -18.69 -17.68
N LEU B 326 2.21 -17.67 -18.49
CA LEU B 326 3.12 -16.60 -18.08
C LEU B 326 2.33 -15.32 -17.86
N LEU B 327 2.43 -14.78 -16.65
CA LEU B 327 1.80 -13.53 -16.26
C LEU B 327 2.83 -12.42 -16.43
N VAL B 328 2.44 -11.33 -17.10
CA VAL B 328 3.35 -10.23 -17.43
C VAL B 328 2.73 -8.94 -16.92
N SER B 329 3.47 -8.20 -16.10
CA SER B 329 2.92 -6.99 -15.49
C SER B 329 4.00 -5.93 -15.38
N VAL B 330 3.59 -4.66 -15.51
CA VAL B 330 4.53 -3.54 -15.44
C VAL B 330 3.79 -2.35 -14.83
N GLY B 331 4.51 -1.54 -14.07
CA GLY B 331 3.97 -0.31 -13.56
C GLY B 331 5.01 0.78 -13.52
N ALA B 332 4.50 2.02 -13.51
CA ALA B 332 5.39 3.19 -13.37
C ALA B 332 6.27 3.03 -12.14
N GLY B 333 7.50 3.53 -12.24
CA GLY B 333 8.51 3.46 -11.17
C GLY B 333 9.96 3.33 -11.64
N PHE B 334 10.27 2.35 -12.49
CA PHE B 334 9.38 1.30 -12.99
C PHE B 334 9.50 0.04 -12.11
N SER B 335 8.47 -0.80 -12.14
CA SER B 335 8.54 -2.13 -11.56
C SER B 335 7.97 -3.11 -12.57
N TRP B 336 8.58 -4.28 -12.67
CA TRP B 336 8.10 -5.35 -13.53
C TRP B 336 7.97 -6.61 -12.69
N SER B 337 6.91 -7.38 -12.94
CA SER B 337 6.77 -8.71 -12.36
C SER B 337 6.39 -9.68 -13.46
N CYS B 338 6.98 -10.88 -13.42
CA CYS B 338 6.57 -11.99 -14.25
C CYS B 338 6.38 -13.20 -13.35
N ALA B 339 5.40 -14.04 -13.70
CA ALA B 339 5.15 -15.27 -12.96
C ALA B 339 4.83 -16.38 -13.95
N VAL B 340 5.24 -17.59 -13.60
CA VAL B 340 4.86 -18.78 -14.35
C VAL B 340 3.94 -19.59 -13.44
N VAL B 341 2.77 -19.93 -13.97
CA VAL B 341 1.74 -20.67 -13.25
C VAL B 341 1.43 -21.93 -14.05
N GLU B 342 1.41 -23.06 -13.36
CA GLU B 342 1.09 -24.35 -13.97
C GLU B 342 -0.33 -24.73 -13.61
N LEU B 343 -1.18 -24.93 -14.62
CA LEU B 343 -2.54 -25.37 -14.39
C LEU B 343 -2.54 -26.84 -13.98
N LEU B 344 -3.07 -27.16 -12.79
CA LEU B 344 -3.10 -28.55 -12.32
C LEU B 344 -4.38 -29.26 -12.73
N GLU B 345 -5.52 -28.57 -12.65
CA GLU B 345 -6.80 -29.14 -13.00
C GLU B 345 -7.71 -28.01 -13.44
N ARG B 346 -8.73 -28.37 -14.20
CA ARG B 346 -9.76 -27.43 -14.57
C ARG B 346 -10.67 -27.27 -13.36
N PRO B 347 -10.86 -26.06 -12.84
CA PRO B 347 -11.77 -25.91 -11.69
C PRO B 347 -13.20 -26.14 -12.16
N SER B 348 -14.06 -26.47 -11.21
CA SER B 348 -15.43 -26.82 -11.57
C SER B 348 -16.22 -25.64 -12.14
N TRP B 349 -15.79 -24.40 -11.92
CA TRP B 349 -16.47 -23.24 -12.50
C TRP B 349 -16.00 -22.94 -13.91
N ALA B 350 -15.02 -23.67 -14.42
CA ALA B 350 -14.44 -23.39 -15.72
C ALA B 350 -15.18 -24.16 -16.80
N ALA B 351 -15.37 -23.51 -17.94
CA ALA B 351 -15.89 -24.18 -19.12
C ALA B 351 -14.91 -25.24 -19.61
N ALA B 352 -15.45 -26.36 -20.06
CA ALA B 352 -14.66 -27.27 -20.86
C ALA B 352 -14.52 -26.68 -22.27
N PRO B 353 -13.34 -26.80 -22.89
CA PRO B 353 -13.15 -26.13 -24.19
C PRO B 353 -13.81 -26.87 -25.35
C10 AFY C . -11.68 7.29 15.97
C12 AFY C . -8.75 7.45 14.97
C13 AFY C . -8.83 6.10 14.48
C15 AFY C . -8.22 6.93 16.22
C16 AFY C . -7.72 8.25 14.16
C22 AFY C . -11.41 4.24 23.72
C17 AFY C . -6.44 8.69 14.86
P27 AFY C . -13.50 4.21 27.02
O01 AFY C . -13.84 3.92 23.33
C02 AFY C . -12.61 4.22 22.76
C03 AFY C . -12.75 5.38 21.81
N04 AFY C . -11.59 5.85 21.11
C05 AFY C . -11.71 6.94 20.19
C06 AFY C . -12.24 6.37 18.88
C07 AFY C . -13.61 6.78 18.38
N08 AFY C . -13.69 7.74 17.31
C09 AFY C . -12.49 8.32 16.75
S11 AFY C . -10.39 8.25 15.15
O14 AFY C . -8.61 5.62 15.84
O18 AFY C . -6.32 9.86 15.33
O19 AFY C . -5.49 7.89 14.97
O20 AFY C . -14.59 6.31 18.85
O21 AFY C . -13.80 5.90 21.66
C23 AFY C . -10.93 5.66 23.98
C24 AFY C . -10.28 3.43 23.10
C25 AFY C . -11.80 3.65 25.06
O26 AFY C . -12.78 4.48 25.57
O28 AFY C . -12.84 4.96 28.16
O29 AFY C . -14.86 4.80 26.90
O30 AFY C . -13.60 2.75 27.36
C10 AFY D . 4.09 4.57 -19.11
C12 AFY D . 2.93 2.22 -17.88
C13 AFY D . 4.18 2.03 -17.23
C15 AFY D . 3.45 1.48 -19.03
C16 AFY D . 1.76 1.44 -17.23
C22 AFY D . 9.37 -0.42 -24.69
C17 AFY D . 0.77 0.76 -18.20
P27 AFY D . 11.60 -1.59 -26.87
O01 AFY D . 10.79 1.12 -25.74
C02 AFY D . 10.13 0.92 -24.54
C03 AFY D . 9.35 2.21 -24.33
N04 AFY D . 9.65 3.18 -23.28
C05 AFY D . 8.82 4.39 -23.19
C06 AFY D . 8.00 4.43 -21.90
C07 AFY D . 6.46 4.38 -21.77
N08 AFY D . 5.89 3.86 -20.56
C09 AFY D . 4.46 3.79 -20.36
S11 AFY D . 2.62 3.97 -18.21
O14 AFY D . 4.64 1.17 -18.32
O18 AFY D . 0.17 1.38 -19.12
O19 AFY D . 0.55 -0.46 -18.04
O20 AFY D . 5.73 4.77 -22.61
O21 AFY D . 8.48 2.49 -25.09
C23 AFY D . 8.66 -0.52 -26.02
C24 AFY D . 8.32 -0.63 -23.60
C25 AFY D . 10.33 -1.59 -24.65
O26 AFY D . 11.54 -1.26 -25.28
O28 AFY D . 10.93 -2.91 -26.96
O29 AFY D . 10.83 -0.58 -27.64
O30 AFY D . 12.96 -1.77 -27.50
#